data_7E0H
#
_entry.id   7E0H
#
_cell.length_a   1.00
_cell.length_b   1.00
_cell.length_c   1.00
_cell.angle_alpha   90.00
_cell.angle_beta   90.00
_cell.angle_gamma   90.00
#
_symmetry.space_group_name_H-M   'P 1'
#
loop_
_entity.id
_entity.type
_entity.pdbx_description
1 polymer 'Chlorophyll a-b binding protein, chloroplastic'
2 polymer 'Chlorophyll a-b binding protein, chloroplastic'
3 non-polymer 'CHLOROPHYLL B'
4 non-polymer 'CHLOROPHYLL A'
5 non-polymer "(3R,3'R,6S)-4,5-DIDEHYDRO-5,6-DIHYDRO-BETA,BETA-CAROTENE-3,3'-DIOL"
6 non-polymer "(3S,5R,6S,3'S,5'R,6'S)-5,6,5',6'-DIEPOXY-5,6,5',6'- TETRAHYDRO-BETA,BETA-CAROTENE-3,3'-DIOL"
7 non-polymer (1R,3R)-6-{(3E,5E,7E,9E,11E,13E,15E,17E)-18-[(1S,4R,6R)-4-HYDROXY-2,2,6-TRIMETHYL-7-OXABICYCLO[4.1.0]HEPT-1-YL]-3,7,12,16-TETRAMETHYLOCTADECA-1,3,5,7,9,11,13,15,17-NONAENYLIDENE}-1,5,5-TRIMETHYLCYCLOHEXANE-1,3-DIOL
8 non-polymer 1,2-DIPALMITOYL-PHOSPHATIDYL-GLYCEROLE
#
loop_
_entity_poly.entity_id
_entity_poly.type
_entity_poly.pdbx_seq_one_letter_code
_entity_poly.pdbx_strand_id
1 'polypeptide(L)'
;MAAIMKSAVRSSVRPTVSGRSARVVPRAAIEWYGPDRPKFLGPFSEGDTPAYLTGEFPGDYGWDTAGLSADPETFKRYRE
LELIHARWAMLGALGCITPELLAKNGIPFGEAVWFKAGAQIFAEGGLNYLGNENLIHAQSIIATLAFQVVVMGLAEAYRA
NGGPLGEGLDPLHPGGAFDPLGLADDPDTFAELKVKEIKNGRLAMFSMFGFFVQAIVTGKGPIQNLDDHLANPTAVNAFA
YATKFTPSA
;
X
2 'polypeptide(L)'
;MAFALSFSRKALQVSAKATGKKGTGKTAAKQAPASSGIEFYGPNRAKWLGPYSENATPAYLTGEFPGDYGWDTAGLSADP
ETFKRYRELELIHARWAMLGALGCITPELLAKSGTQFGEAVWFKAGAQIFSEGGLDYLGNPSLVHAQNIVATLAVQVILM
GLVEGYRVNGGPAGEGLDPLYPGESFDPLGLADDPDTFAELKVKEIKNGRLAMFSMFGFFVQAIVTGKGPIQNLDDHLSN
PTVNNAFAFATKFTPSA
;
Y,Z
#
# COMPACT_ATOMS: atom_id res chain seq x y z
N ALA A 29 36.15 5.96 9.15
CA ALA A 29 34.74 5.81 9.43
C ALA A 29 34.13 7.13 9.91
N ILE A 30 34.97 8.12 10.18
CA ILE A 30 34.49 9.44 10.58
C ILE A 30 34.28 10.21 9.28
N GLU A 31 33.13 9.94 8.65
CA GLU A 31 32.52 10.67 7.54
C GLU A 31 31.15 10.06 7.34
N TRP A 32 30.19 10.86 6.87
CA TRP A 32 28.90 10.33 6.44
C TRP A 32 28.65 10.66 4.98
N TYR A 33 29.70 10.99 4.24
CA TYR A 33 29.62 11.39 2.85
C TYR A 33 30.72 10.69 2.08
N GLY A 34 30.92 11.08 0.83
CA GLY A 34 31.95 10.51 0.00
C GLY A 34 31.59 9.15 -0.54
N PRO A 35 32.51 8.54 -1.29
CA PRO A 35 32.23 7.18 -1.81
C PRO A 35 32.25 6.12 -0.73
N ASP A 36 33.16 6.21 0.22
CA ASP A 36 33.24 5.28 1.34
C ASP A 36 32.52 5.89 2.53
N ARG A 37 31.48 5.20 3.01
CA ARG A 37 30.64 5.73 4.07
C ARG A 37 30.04 4.56 4.83
N PRO A 38 29.54 4.79 6.04
CA PRO A 38 28.72 3.78 6.72
C PRO A 38 27.49 3.42 5.91
N LYS A 39 27.24 2.11 5.79
CA LYS A 39 26.20 1.60 4.93
C LYS A 39 25.31 0.61 5.67
N PHE A 40 24.18 0.29 5.05
CA PHE A 40 23.09 -0.40 5.75
C PHE A 40 23.31 -1.89 5.88
N LEU A 41 24.27 -2.46 5.15
CA LEU A 41 24.61 -3.87 5.29
C LEU A 41 25.99 -4.08 5.88
N GLY A 42 26.69 -3.02 6.27
CA GLY A 42 28.01 -3.13 6.85
C GLY A 42 29.05 -3.56 5.84
N PRO A 43 29.80 -4.62 6.16
CA PRO A 43 30.78 -5.14 5.20
C PRO A 43 30.16 -5.92 4.05
N PHE A 44 28.86 -6.16 4.09
CA PHE A 44 28.13 -6.83 3.03
C PHE A 44 27.58 -5.88 1.98
N SER A 45 28.06 -4.63 1.95
CA SER A 45 27.45 -3.59 1.14
C SER A 45 28.38 -3.05 0.06
N GLU A 46 29.17 -3.92 -0.57
CA GLU A 46 29.94 -3.48 -1.74
C GLU A 46 29.19 -3.77 -3.04
N GLY A 47 28.51 -4.91 -3.11
CA GLY A 47 27.66 -5.23 -4.26
C GLY A 47 26.38 -4.43 -4.33
N ASP A 48 26.02 -3.74 -3.25
CA ASP A 48 24.90 -2.81 -3.19
C ASP A 48 25.41 -1.42 -3.54
N THR A 49 24.65 -0.37 -3.15
CA THR A 49 24.96 1.06 -3.32
C THR A 49 25.12 1.44 -4.78
N PRO A 50 24.01 1.57 -5.53
CA PRO A 50 24.11 1.85 -6.97
C PRO A 50 24.62 3.25 -7.27
N ALA A 51 24.64 3.56 -8.58
CA ALA A 51 25.40 4.71 -9.06
C ALA A 51 24.74 6.04 -8.72
N TYR A 52 23.42 6.07 -8.55
CA TYR A 52 22.78 7.35 -8.26
C TYR A 52 22.69 7.64 -6.77
N LEU A 53 23.03 6.69 -5.90
CA LEU A 53 23.27 6.97 -4.50
C LEU A 53 24.77 7.11 -4.29
N THR A 54 25.24 8.35 -4.22
CA THR A 54 26.67 8.62 -4.15
C THR A 54 27.16 9.06 -2.78
N GLY A 55 26.26 9.20 -1.81
CA GLY A 55 26.65 9.69 -0.50
C GLY A 55 26.69 11.19 -0.38
N GLU A 56 26.00 11.91 -1.25
CA GLU A 56 26.04 13.37 -1.28
C GLU A 56 24.98 13.99 -0.36
N PHE A 57 24.16 13.15 0.27
CA PHE A 57 23.02 13.61 1.05
C PHE A 57 23.14 13.09 2.47
N PRO A 58 22.54 13.79 3.46
CA PRO A 58 22.62 13.32 4.84
C PRO A 58 21.83 12.04 5.05
N GLY A 59 22.54 10.99 5.47
CA GLY A 59 21.93 9.71 5.75
C GLY A 59 22.01 8.69 4.64
N ASP A 60 22.99 8.80 3.76
CA ASP A 60 23.11 7.86 2.65
C ASP A 60 23.85 6.61 3.12
N TYR A 61 23.14 5.48 3.16
CA TYR A 61 23.70 4.20 3.55
C TYR A 61 23.59 3.17 2.44
N GLY A 62 23.21 3.60 1.23
CA GLY A 62 23.14 2.68 0.11
C GLY A 62 21.91 1.80 0.07
N TRP A 63 20.88 2.10 0.86
CA TRP A 63 19.66 1.29 0.91
C TRP A 63 18.70 1.81 -0.15
N ASP A 64 18.82 1.29 -1.36
CA ASP A 64 17.79 1.46 -2.38
C ASP A 64 17.57 0.12 -3.10
N THR A 65 17.38 -0.94 -2.32
CA THR A 65 17.17 -2.27 -2.90
C THR A 65 15.89 -2.37 -3.72
N ALA A 66 14.87 -1.58 -3.40
CA ALA A 66 13.68 -1.55 -4.23
C ALA A 66 13.86 -0.73 -5.49
N GLY A 67 14.78 0.23 -5.49
CA GLY A 67 14.97 1.08 -6.63
C GLY A 67 13.85 2.06 -6.87
N LEU A 68 13.42 2.77 -5.82
CA LEU A 68 12.31 3.69 -5.95
C LEU A 68 12.74 5.11 -6.36
N SER A 69 14.02 5.43 -6.24
CA SER A 69 14.45 6.82 -6.38
C SER A 69 15.57 6.99 -7.41
N ALA A 70 15.38 6.42 -8.61
CA ALA A 70 16.40 6.55 -9.65
C ALA A 70 16.47 7.99 -10.19
N ASP A 71 15.32 8.60 -10.41
CA ASP A 71 15.28 9.97 -10.91
C ASP A 71 15.61 10.92 -9.77
N PRO A 72 16.58 11.83 -9.95
CA PRO A 72 16.91 12.79 -8.86
C PRO A 72 15.78 13.75 -8.50
N GLU A 73 14.79 13.94 -9.37
CA GLU A 73 13.61 14.69 -8.97
C GLU A 73 12.72 13.87 -8.04
N THR A 74 12.51 12.61 -8.40
CA THR A 74 11.84 11.65 -7.52
C THR A 74 12.62 11.47 -6.22
N PHE A 75 13.95 11.41 -6.31
CA PHE A 75 14.81 11.31 -5.13
C PHE A 75 14.72 12.55 -4.27
N LYS A 76 14.58 13.73 -4.89
CA LYS A 76 14.48 14.97 -4.13
C LYS A 76 13.16 15.05 -3.38
N ARG A 77 12.06 14.68 -4.04
CA ARG A 77 10.77 14.69 -3.37
C ARG A 77 10.69 13.61 -2.30
N TYR A 78 11.33 12.46 -2.52
CA TYR A 78 11.39 11.44 -1.48
C TYR A 78 12.25 11.87 -0.29
N ARG A 79 13.32 12.63 -0.53
CA ARG A 79 14.13 13.13 0.57
C ARG A 79 13.38 14.17 1.39
N GLU A 80 12.67 15.07 0.72
CA GLU A 80 11.85 16.06 1.43
C GLU A 80 10.76 15.37 2.25
N LEU A 81 10.10 14.38 1.66
CA LEU A 81 9.03 13.66 2.34
C LEU A 81 9.58 12.86 3.52
N GLU A 82 10.76 12.26 3.35
CA GLU A 82 11.40 11.52 4.43
C GLU A 82 11.81 12.43 5.57
N LEU A 83 12.31 13.62 5.27
CA LEU A 83 12.76 14.49 6.37
C LEU A 83 11.61 15.17 7.09
N ILE A 84 10.52 15.51 6.40
CA ILE A 84 9.38 16.03 7.16
C ILE A 84 8.69 14.89 7.94
N HIS A 85 8.72 13.66 7.41
CA HIS A 85 8.32 12.51 8.21
C HIS A 85 9.23 12.30 9.40
N ALA A 86 10.52 12.61 9.24
CA ALA A 86 11.47 12.50 10.35
C ALA A 86 11.17 13.51 11.44
N ARG A 87 10.90 14.76 11.06
CA ARG A 87 10.56 15.79 12.04
C ARG A 87 9.26 15.46 12.78
N TRP A 88 8.23 15.04 12.03
CA TRP A 88 6.96 14.73 12.68
C TRP A 88 7.05 13.43 13.49
N ALA A 89 7.94 12.51 13.11
CA ALA A 89 8.11 11.30 13.91
C ALA A 89 8.91 11.55 15.16
N MET A 90 9.88 12.47 15.13
CA MET A 90 10.56 12.85 16.37
C MET A 90 9.66 13.64 17.29
N LEU A 91 8.74 14.43 16.74
CA LEU A 91 7.71 15.04 17.57
C LEU A 91 6.79 13.98 18.18
N GLY A 92 6.39 13.00 17.36
CA GLY A 92 5.44 11.99 17.80
C GLY A 92 5.99 10.98 18.79
N ALA A 93 7.22 10.52 18.58
CA ALA A 93 7.85 9.55 19.46
C ALA A 93 8.11 10.09 20.85
N LEU A 94 8.16 11.40 21.02
CA LEU A 94 8.23 12.00 22.34
C LEU A 94 6.85 12.39 22.88
N GLY A 95 5.94 12.83 22.00
CA GLY A 95 4.59 13.14 22.46
C GLY A 95 3.75 11.93 22.82
N CYS A 96 4.15 10.73 22.40
CA CYS A 96 3.50 9.52 22.87
C CYS A 96 4.10 8.98 24.16
N ILE A 97 5.37 9.29 24.45
CA ILE A 97 5.99 8.74 25.65
C ILE A 97 5.75 9.66 26.86
N THR A 98 5.66 10.98 26.66
CA THR A 98 5.47 11.88 27.79
C THR A 98 4.14 11.77 28.58
N PRO A 99 2.97 11.40 28.02
CA PRO A 99 1.82 11.20 28.92
C PRO A 99 2.00 10.03 29.87
N GLU A 100 2.53 8.91 29.39
CA GLU A 100 2.84 7.82 30.29
C GLU A 100 4.05 8.14 31.17
N LEU A 101 4.93 9.04 30.72
CA LEU A 101 6.08 9.42 31.54
C LEU A 101 5.67 10.34 32.69
N LEU A 102 4.64 11.16 32.51
CA LEU A 102 4.07 11.89 33.64
C LEU A 102 3.02 11.10 34.41
N ALA A 103 2.50 10.02 33.83
CA ALA A 103 1.71 9.08 34.63
C ALA A 103 2.60 8.22 35.52
N LYS A 104 3.88 8.09 35.15
CA LYS A 104 4.86 7.46 36.04
C LYS A 104 4.99 8.22 37.35
N ASN A 105 5.05 9.55 37.26
CA ASN A 105 5.15 10.37 38.47
C ASN A 105 3.85 10.41 39.25
N GLY A 106 2.73 10.08 38.62
CA GLY A 106 1.46 10.01 39.30
C GLY A 106 0.49 11.14 39.02
N ILE A 107 0.66 11.87 37.92
CA ILE A 107 -0.24 12.95 37.55
C ILE A 107 -1.40 12.34 36.75
N PRO A 108 -2.62 12.29 37.31
CA PRO A 108 -3.72 11.65 36.60
C PRO A 108 -4.52 12.59 35.71
N PHE A 109 -4.54 12.33 34.41
CA PHE A 109 -5.33 13.12 33.47
C PHE A 109 -6.07 12.19 32.50
N GLY A 110 -7.21 11.67 32.95
CA GLY A 110 -8.11 10.94 32.07
C GLY A 110 -7.57 9.60 31.60
N GLU A 111 -6.54 9.65 30.75
CA GLU A 111 -5.91 8.47 30.19
C GLU A 111 -4.50 8.85 29.75
N ALA A 112 -3.56 7.91 29.89
CA ALA A 112 -2.16 8.15 29.62
C ALA A 112 -1.68 7.57 28.29
N VAL A 113 -2.39 6.62 27.71
CA VAL A 113 -1.96 6.09 26.42
C VAL A 113 -2.30 7.10 25.33
N TRP A 114 -1.59 6.99 24.20
CA TRP A 114 -1.75 7.96 23.12
C TRP A 114 -2.83 7.55 22.14
N PHE A 115 -3.08 6.26 21.97
CA PHE A 115 -4.03 5.79 20.99
C PHE A 115 -5.46 5.77 21.50
N LYS A 116 -5.65 5.97 22.81
CA LYS A 116 -6.98 6.25 23.35
C LYS A 116 -7.00 7.62 24.04
N ALA A 117 -6.20 8.57 23.54
CA ALA A 117 -6.10 9.89 24.14
C ALA A 117 -7.09 10.89 23.55
N GLY A 118 -7.58 10.64 22.34
CA GLY A 118 -8.50 11.58 21.72
C GLY A 118 -9.89 11.58 22.35
N ALA A 119 -10.33 10.43 22.86
CA ALA A 119 -11.65 10.29 23.45
C ALA A 119 -11.82 11.08 24.74
N GLN A 120 -10.72 11.57 25.33
CA GLN A 120 -10.81 12.49 26.46
C GLN A 120 -11.40 13.85 26.06
N ILE A 121 -11.42 14.18 24.77
CA ILE A 121 -12.26 15.27 24.28
C ILE A 121 -13.72 15.05 24.66
N PHE A 122 -14.20 13.82 24.53
CA PHE A 122 -15.59 13.48 24.77
C PHE A 122 -15.83 13.02 26.21
N ALA A 123 -15.05 13.50 27.17
CA ALA A 123 -15.20 13.11 28.56
C ALA A 123 -16.33 13.91 29.21
N GLU A 124 -16.48 13.72 30.52
CA GLU A 124 -17.50 14.45 31.27
C GLU A 124 -17.10 15.89 31.52
N GLY A 125 -15.81 16.22 31.41
CA GLY A 125 -15.35 17.58 31.59
C GLY A 125 -14.43 18.05 30.49
N GLY A 126 -14.09 17.15 29.58
CA GLY A 126 -13.22 17.48 28.47
C GLY A 126 -11.77 17.14 28.74
N LEU A 127 -10.97 17.19 27.68
CA LEU A 127 -9.55 16.88 27.73
C LEU A 127 -8.81 17.98 28.47
N ASN A 128 -8.14 17.62 29.56
CA ASN A 128 -7.29 18.54 30.29
C ASN A 128 -5.84 18.29 29.92
N TYR A 129 -5.04 19.35 29.92
CA TYR A 129 -3.65 19.24 29.50
C TYR A 129 -2.82 18.50 30.56
N LEU A 130 -2.73 19.05 31.76
CA LEU A 130 -1.94 18.47 32.82
C LEU A 130 -2.82 17.97 33.96
N GLY A 131 -4.14 17.97 33.76
CA GLY A 131 -5.08 17.56 34.77
C GLY A 131 -5.61 18.66 35.66
N ASN A 132 -4.86 19.75 35.83
CA ASN A 132 -5.32 20.89 36.62
C ASN A 132 -6.37 21.65 35.84
N GLU A 133 -7.48 21.97 36.50
CA GLU A 133 -8.69 22.42 35.81
C GLU A 133 -8.60 23.84 35.25
N ASN A 134 -7.61 24.64 35.65
CA ASN A 134 -7.44 25.99 35.13
C ASN A 134 -6.61 26.03 33.85
N LEU A 135 -6.28 24.88 33.29
CA LEU A 135 -5.51 24.77 32.06
C LEU A 135 -6.47 24.76 30.86
N ILE A 136 -5.98 24.23 29.72
CA ILE A 136 -6.59 24.39 28.40
C ILE A 136 -8.05 23.96 28.37
N HIS A 137 -8.32 22.69 28.68
CA HIS A 137 -9.63 22.18 29.08
C HIS A 137 -10.71 22.38 28.01
N ALA A 138 -10.33 22.21 26.75
CA ALA A 138 -11.26 22.40 25.65
C ALA A 138 -12.17 21.19 25.49
N GLN A 139 -13.34 21.42 24.91
CA GLN A 139 -14.40 20.41 24.87
C GLN A 139 -14.83 20.04 23.46
N SER A 140 -14.84 20.98 22.52
CA SER A 140 -15.38 20.75 21.18
C SER A 140 -14.23 20.40 20.23
N ILE A 141 -14.29 19.20 19.65
CA ILE A 141 -13.25 18.78 18.72
C ILE A 141 -13.39 19.49 17.38
N ILE A 142 -14.59 19.94 17.02
CA ILE A 142 -14.81 20.48 15.68
C ILE A 142 -14.27 21.89 15.56
N ALA A 143 -14.40 22.69 16.62
CA ALA A 143 -13.91 24.07 16.59
C ALA A 143 -12.38 24.12 16.58
N THR A 144 -11.73 23.35 17.46
CA THR A 144 -10.28 23.26 17.44
C THR A 144 -9.78 22.52 16.21
N LEU A 145 -10.63 21.66 15.60
CA LEU A 145 -10.29 21.05 14.32
C LEU A 145 -10.25 22.08 13.21
N ALA A 146 -11.25 22.97 13.18
CA ALA A 146 -11.28 24.03 12.16
C ALA A 146 -10.11 24.99 12.35
N PHE A 147 -9.78 25.32 13.60
CA PHE A 147 -8.61 26.16 13.87
C PHE A 147 -7.32 25.48 13.42
N GLN A 148 -7.22 24.16 13.65
CA GLN A 148 -6.04 23.42 13.22
C GLN A 148 -5.93 23.37 11.70
N VAL A 149 -7.06 23.17 11.01
CA VAL A 149 -7.09 23.17 9.55
C VAL A 149 -6.61 24.50 8.99
N VAL A 150 -7.12 25.61 9.51
CA VAL A 150 -6.75 26.90 8.91
C VAL A 150 -5.29 27.25 9.22
N VAL A 151 -4.83 27.08 10.47
CA VAL A 151 -3.47 27.54 10.75
C VAL A 151 -2.44 26.53 10.23
N MET A 152 -2.80 25.25 10.11
CA MET A 152 -1.85 24.29 9.59
C MET A 152 -1.78 24.32 8.08
N GLY A 153 -2.90 24.59 7.40
CA GLY A 153 -2.84 24.86 5.97
C GLY A 153 -2.02 26.08 5.65
N LEU A 154 -2.18 27.15 6.45
CA LEU A 154 -1.38 28.35 6.24
C LEU A 154 0.10 28.12 6.52
N ALA A 155 0.41 27.40 7.61
CA ALA A 155 1.79 27.17 8.00
C ALA A 155 2.50 26.22 7.04
N GLU A 156 1.84 25.12 6.64
CA GLU A 156 2.44 24.17 5.72
C GLU A 156 2.53 24.72 4.30
N ALA A 157 1.57 25.56 3.88
CA ALA A 157 1.68 26.19 2.58
C ALA A 157 2.74 27.29 2.57
N TYR A 158 2.99 27.91 3.73
CA TYR A 158 4.15 28.79 3.85
C TYR A 158 5.44 27.98 3.86
N ARG A 159 5.40 26.75 4.38
CA ARG A 159 6.56 25.88 4.37
C ARG A 159 6.92 25.48 2.94
N ALA A 160 5.92 25.13 2.13
CA ALA A 160 6.18 24.73 0.76
C ALA A 160 6.60 25.92 -0.10
N ASN A 161 5.84 27.01 -0.06
CA ASN A 161 6.08 28.14 -0.96
C ASN A 161 6.95 29.23 -0.34
N GLY A 162 6.49 29.83 0.75
CA GLY A 162 7.19 30.95 1.36
C GLY A 162 6.22 31.98 1.91
N GLY A 163 6.65 32.71 2.93
CA GLY A 163 5.80 33.64 3.64
C GLY A 163 6.57 34.81 4.24
N PRO A 164 6.25 35.17 5.49
CA PRO A 164 6.86 36.35 6.09
C PRO A 164 8.23 36.11 6.69
N LEU A 165 8.67 34.86 6.79
CA LEU A 165 10.04 34.54 7.19
C LEU A 165 10.69 33.75 6.06
N GLY A 166 11.25 34.47 5.10
CA GLY A 166 11.94 33.83 4.00
C GLY A 166 11.00 33.38 2.90
N GLU A 167 11.19 33.89 1.68
CA GLU A 167 10.33 33.50 0.57
C GLU A 167 10.92 32.35 -0.24
N GLY A 168 12.08 32.56 -0.84
CA GLY A 168 12.70 31.51 -1.64
C GLY A 168 14.02 31.04 -1.08
N LEU A 169 14.00 29.87 -0.46
CA LEU A 169 15.18 29.28 0.18
C LEU A 169 15.11 27.78 -0.03
N ASP A 170 15.87 27.06 0.78
CA ASP A 170 15.86 25.60 0.78
C ASP A 170 14.49 25.09 1.24
N PRO A 171 13.82 24.23 0.48
CA PRO A 171 12.62 23.56 1.00
C PRO A 171 12.92 22.59 2.13
N LEU A 172 14.18 22.23 2.35
CA LEU A 172 14.55 21.31 3.41
C LEU A 172 14.87 22.05 4.70
N HIS A 173 15.90 22.90 4.66
CA HIS A 173 16.40 23.60 5.84
C HIS A 173 16.39 25.09 5.57
N PRO A 174 15.32 25.80 5.93
CA PRO A 174 15.28 27.26 5.72
C PRO A 174 16.25 28.01 6.59
N GLY A 175 16.22 27.75 7.90
CA GLY A 175 17.06 28.54 8.79
C GLY A 175 16.45 29.91 9.04
N GLY A 176 17.32 30.89 9.23
CA GLY A 176 16.89 32.24 9.56
C GLY A 176 16.29 32.29 10.95
N ALA A 177 14.97 32.48 11.03
CA ALA A 177 14.27 32.41 12.31
C ALA A 177 14.11 30.98 12.80
N PHE A 178 14.38 29.98 11.97
CA PHE A 178 14.39 28.59 12.40
C PHE A 178 15.67 28.21 13.11
N ASP A 179 16.73 29.01 12.97
CA ASP A 179 17.94 28.89 13.77
C ASP A 179 18.18 30.22 14.47
N PRO A 180 17.54 30.46 15.61
CA PRO A 180 17.89 31.65 16.40
C PRO A 180 19.12 31.46 17.26
N LEU A 181 19.59 30.22 17.40
CA LEU A 181 20.70 29.88 18.27
C LEU A 181 22.02 29.71 17.53
N GLY A 182 22.03 29.90 16.21
CA GLY A 182 23.27 29.95 15.47
C GLY A 182 23.97 28.62 15.25
N LEU A 183 23.22 27.54 14.99
CA LEU A 183 23.82 26.26 14.68
C LEU A 183 23.90 26.01 13.17
N ALA A 184 23.41 26.94 12.35
CA ALA A 184 23.43 26.76 10.90
C ALA A 184 24.76 27.17 10.28
N ASP A 185 25.61 27.87 11.01
CA ASP A 185 26.91 28.26 10.49
C ASP A 185 27.89 27.09 10.58
N ASP A 186 29.11 27.31 10.06
CA ASP A 186 30.24 26.36 10.02
C ASP A 186 29.80 25.06 9.36
N PRO A 187 29.70 25.02 8.02
CA PRO A 187 28.84 24.03 7.34
C PRO A 187 29.21 22.56 7.52
N ASP A 188 30.41 22.24 8.04
CA ASP A 188 30.75 20.83 8.26
C ASP A 188 29.97 20.26 9.44
N THR A 189 29.86 21.00 10.55
CA THR A 189 29.01 20.51 11.63
C THR A 189 27.53 20.71 11.32
N PHE A 190 27.20 21.60 10.38
CA PHE A 190 25.83 21.64 9.86
C PHE A 190 25.49 20.35 9.13
N ALA A 191 26.41 19.84 8.31
CA ALA A 191 26.20 18.56 7.64
C ALA A 191 26.19 17.41 8.64
N GLU A 192 27.05 17.49 9.67
CA GLU A 192 27.09 16.47 10.72
C GLU A 192 25.78 16.42 11.50
N LEU A 193 25.22 17.58 11.82
CA LEU A 193 23.95 17.63 12.53
C LEU A 193 22.77 17.31 11.60
N LYS A 194 22.95 17.50 10.29
CA LYS A 194 21.98 16.98 9.32
C LYS A 194 21.90 15.46 9.36
N VAL A 195 23.07 14.81 9.38
CA VAL A 195 23.11 13.34 9.50
C VAL A 195 22.56 12.90 10.85
N LYS A 196 22.85 13.65 11.91
CA LYS A 196 22.31 13.34 13.23
C LYS A 196 20.79 13.46 13.25
N GLU A 197 20.25 14.50 12.59
CA GLU A 197 18.80 14.71 12.53
C GLU A 197 18.11 13.61 11.74
N ILE A 198 18.67 13.22 10.59
CA ILE A 198 18.01 12.18 9.80
C ILE A 198 18.17 10.81 10.47
N LYS A 199 19.24 10.59 11.23
CA LYS A 199 19.38 9.31 11.93
C LYS A 199 18.41 9.19 13.09
N ASN A 200 18.31 10.25 13.92
CA ASN A 200 17.33 10.24 15.00
C ASN A 200 15.90 10.23 14.45
N GLY A 201 15.68 10.84 13.28
CA GLY A 201 14.38 10.82 12.66
C GLY A 201 13.98 9.46 12.12
N ARG A 202 14.92 8.75 11.48
CA ARG A 202 14.65 7.40 11.02
C ARG A 202 14.40 6.46 12.19
N LEU A 203 15.15 6.64 13.27
CA LEU A 203 14.90 5.87 14.49
C LEU A 203 13.51 6.20 15.05
N ALA A 204 13.09 7.46 14.92
CA ALA A 204 11.77 7.86 15.40
C ALA A 204 10.64 7.31 14.53
N MET A 205 10.85 7.24 13.20
CA MET A 205 9.83 6.64 12.34
C MET A 205 9.70 5.14 12.59
N PHE A 206 10.85 4.48 12.79
CA PHE A 206 10.86 3.06 13.16
C PHE A 206 10.14 2.85 14.49
N SER A 207 10.43 3.71 15.47
CA SER A 207 9.75 3.68 16.76
C SER A 207 8.26 3.98 16.65
N MET A 208 7.86 4.87 15.73
CA MET A 208 6.45 5.21 15.63
C MET A 208 5.65 4.13 14.92
N PHE A 209 6.26 3.47 13.93
CA PHE A 209 5.64 2.28 13.35
C PHE A 209 5.52 1.16 14.39
N GLY A 210 6.56 1.00 15.22
CA GLY A 210 6.47 0.06 16.32
C GLY A 210 5.41 0.43 17.34
N PHE A 211 5.22 1.73 17.56
CA PHE A 211 4.16 2.22 18.45
C PHE A 211 2.79 1.88 17.88
N PHE A 212 2.62 2.11 16.57
CA PHE A 212 1.36 1.82 15.89
C PHE A 212 1.01 0.33 15.99
N VAL A 213 1.98 -0.54 15.72
CA VAL A 213 1.64 -1.96 15.75
C VAL A 213 1.61 -2.54 17.16
N GLN A 214 2.29 -1.92 18.14
CA GLN A 214 2.11 -2.33 19.52
C GLN A 214 0.76 -1.87 20.05
N ALA A 215 0.23 -0.78 19.50
CA ALA A 215 -1.14 -0.41 19.80
C ALA A 215 -2.13 -1.36 19.14
N ILE A 216 -1.84 -1.78 17.91
CA ILE A 216 -2.78 -2.62 17.17
C ILE A 216 -2.84 -4.03 17.77
N VAL A 217 -1.69 -4.67 17.93
CA VAL A 217 -1.68 -6.08 18.32
C VAL A 217 -1.92 -6.23 19.82
N THR A 218 -1.15 -5.50 20.63
CA THR A 218 -1.25 -5.69 22.08
C THR A 218 -2.48 -4.98 22.64
N GLY A 219 -2.74 -3.76 22.19
CA GLY A 219 -3.85 -2.97 22.70
C GLY A 219 -3.56 -2.21 23.97
N LYS A 220 -2.31 -2.18 24.41
CA LYS A 220 -1.89 -1.42 25.58
C LYS A 220 -0.84 -0.41 25.16
N GLY A 221 -0.46 0.45 26.11
CA GLY A 221 0.50 1.50 25.85
C GLY A 221 1.91 0.96 25.67
N PRO A 222 2.76 1.72 24.98
CA PRO A 222 4.13 1.23 24.74
C PRO A 222 4.98 1.21 25.99
N ILE A 223 4.80 2.20 26.87
CA ILE A 223 5.52 2.18 28.14
C ILE A 223 4.97 1.07 29.03
N GLN A 224 3.67 0.78 28.92
CA GLN A 224 3.11 -0.38 29.60
C GLN A 224 3.65 -1.69 29.02
N ASN A 225 3.93 -1.71 27.71
CA ASN A 225 4.59 -2.87 27.11
C ASN A 225 6.02 -3.00 27.60
N LEU A 226 6.69 -1.88 27.82
CA LEU A 226 8.05 -1.92 28.37
C LEU A 226 8.04 -2.42 29.81
N ASP A 227 7.05 -2.02 30.61
CA ASP A 227 6.95 -2.52 31.97
C ASP A 227 6.63 -4.00 31.99
N ASP A 228 5.78 -4.47 31.06
CA ASP A 228 5.46 -5.89 31.00
C ASP A 228 6.65 -6.70 30.49
N HIS A 229 7.46 -6.13 29.59
CA HIS A 229 8.63 -6.83 29.10
C HIS A 229 9.73 -6.88 30.16
N LEU A 230 9.92 -5.80 30.91
CA LEU A 230 10.89 -5.79 31.99
C LEU A 230 10.43 -6.63 33.17
N ALA A 231 9.12 -6.80 33.35
CA ALA A 231 8.63 -7.67 34.41
C ALA A 231 8.78 -9.14 34.05
N ASN A 232 8.56 -9.49 32.79
CA ASN A 232 8.66 -10.87 32.33
C ASN A 232 8.95 -10.88 30.83
N PRO A 233 10.21 -11.00 30.44
CA PRO A 233 10.56 -10.96 29.01
C PRO A 233 10.37 -12.27 28.27
N THR A 234 10.57 -13.40 28.96
CA THR A 234 10.70 -14.69 28.27
C THR A 234 9.36 -15.21 27.76
N ALA A 235 8.29 -14.99 28.49
CA ALA A 235 6.96 -15.42 28.06
C ALA A 235 6.11 -14.30 27.49
N VAL A 236 6.31 -13.07 27.97
CA VAL A 236 5.56 -11.92 27.45
C VAL A 236 6.51 -11.20 26.50
N ASN A 237 6.37 -11.50 25.21
CA ASN A 237 7.01 -10.77 24.12
C ASN A 237 5.99 -10.72 23.00
N ALA A 238 6.44 -10.39 21.78
CA ALA A 238 5.54 -10.35 20.64
C ALA A 238 5.01 -11.74 20.30
N PHE A 239 5.80 -12.78 20.54
CA PHE A 239 5.38 -14.14 20.25
C PHE A 239 4.28 -14.62 21.19
N ALA A 240 4.07 -13.95 22.32
CA ALA A 240 2.88 -14.21 23.12
C ALA A 240 1.61 -13.77 22.41
N TYR A 241 1.68 -12.68 21.65
CA TYR A 241 0.54 -12.20 20.87
C TYR A 241 0.60 -12.65 19.42
N ALA A 242 1.31 -13.75 19.16
CA ALA A 242 1.45 -14.25 17.80
C ALA A 242 0.19 -14.95 17.30
N THR A 243 -0.66 -15.42 18.20
CA THR A 243 -1.85 -16.18 17.83
C THR A 243 -3.13 -15.35 17.95
N LYS A 244 -3.01 -14.02 17.99
CA LYS A 244 -4.19 -13.18 18.17
C LYS A 244 -4.97 -13.03 16.87
N PHE A 245 -4.30 -12.65 15.78
CA PHE A 245 -4.95 -12.38 14.51
C PHE A 245 -5.17 -13.64 13.68
N THR A 246 -5.18 -14.81 14.30
CA THR A 246 -5.46 -16.06 13.61
C THR A 246 -6.91 -16.07 13.15
N PRO A 247 -7.19 -16.21 11.85
CA PRO A 247 -8.58 -16.18 11.37
C PRO A 247 -9.27 -17.50 11.66
N SER A 248 -10.24 -17.47 12.58
CA SER A 248 -10.96 -18.68 12.97
C SER A 248 -11.96 -19.11 11.90
N ALA A 249 -12.96 -18.26 11.64
CA ALA A 249 -14.04 -18.47 10.67
C ALA A 249 -14.78 -19.79 10.84
N ILE B 38 -9.84 32.98 -16.24
CA ILE B 38 -9.04 31.86 -15.79
C ILE B 38 -8.76 30.92 -16.97
N GLU B 39 -7.50 30.50 -17.10
CA GLU B 39 -7.09 29.54 -18.11
C GLU B 39 -6.45 28.35 -17.43
N PHE B 40 -6.95 27.15 -17.75
CA PHE B 40 -6.52 25.93 -17.06
C PHE B 40 -5.34 25.25 -17.76
N TYR B 41 -4.50 26.02 -18.45
CA TYR B 41 -3.31 25.49 -19.10
C TYR B 41 -2.18 26.51 -18.94
N GLY B 42 -0.97 26.09 -19.26
CA GLY B 42 0.15 26.99 -19.34
C GLY B 42 0.75 27.38 -18.01
N PRO B 43 1.48 28.52 -17.99
CA PRO B 43 2.25 28.91 -16.79
C PRO B 43 1.38 29.35 -15.62
N ASN B 44 0.44 30.25 -15.88
CA ASN B 44 -0.50 30.70 -14.86
C ASN B 44 -1.83 29.97 -15.05
N ARG B 45 -2.18 29.14 -14.07
CA ARG B 45 -3.37 28.31 -14.17
C ARG B 45 -3.90 28.04 -12.77
N ALA B 46 -4.92 27.20 -12.68
CA ALA B 46 -5.48 26.81 -11.40
C ALA B 46 -4.50 25.93 -10.65
N LYS B 47 -4.09 26.37 -9.45
CA LYS B 47 -3.02 25.75 -8.70
C LYS B 47 -3.51 25.35 -7.32
N TRP B 48 -2.99 24.22 -6.82
CA TRP B 48 -3.62 23.53 -5.71
C TRP B 48 -3.40 24.19 -4.34
N LEU B 49 -2.40 25.05 -4.21
CA LEU B 49 -2.17 25.76 -2.95
C LEU B 49 -2.55 27.23 -3.04
N GLY B 50 -3.48 27.59 -3.92
CA GLY B 50 -3.96 28.94 -4.00
C GLY B 50 -3.03 29.85 -4.77
N PRO B 51 -3.00 31.14 -4.41
CA PRO B 51 -2.18 32.11 -5.14
C PRO B 51 -0.70 32.06 -4.79
N TYR B 52 -0.29 31.21 -3.85
CA TYR B 52 1.11 31.10 -3.47
C TYR B 52 1.49 29.63 -3.49
N SER B 53 1.90 29.15 -4.66
CA SER B 53 2.37 27.78 -4.80
C SER B 53 3.53 27.63 -5.76
N GLU B 54 4.19 28.73 -6.15
CA GLU B 54 5.14 28.68 -7.26
C GLU B 54 6.42 27.94 -6.90
N ASN B 55 6.73 27.80 -5.61
CA ASN B 55 7.81 26.91 -5.21
C ASN B 55 7.39 25.45 -5.26
N ALA B 56 6.10 25.18 -5.07
CA ALA B 56 5.59 23.81 -5.02
C ALA B 56 5.34 23.21 -6.40
N THR B 57 5.51 23.98 -7.48
CA THR B 57 5.34 23.42 -8.81
C THR B 57 6.59 22.68 -9.24
N PRO B 58 6.50 21.42 -9.62
CA PRO B 58 7.66 20.75 -10.24
C PRO B 58 7.88 21.26 -11.65
N ALA B 59 9.07 20.96 -12.18
CA ALA B 59 9.41 21.43 -13.52
C ALA B 59 8.65 20.68 -14.60
N TYR B 60 8.34 19.41 -14.37
CA TYR B 60 7.69 18.61 -15.39
C TYR B 60 6.18 18.84 -15.47
N LEU B 61 5.60 19.58 -14.53
CA LEU B 61 4.18 19.89 -14.58
C LEU B 61 3.97 21.27 -15.18
N THR B 62 4.20 21.34 -16.49
CA THR B 62 4.02 22.60 -17.21
C THR B 62 2.54 22.92 -17.40
N GLY B 63 1.72 21.92 -17.69
CA GLY B 63 0.30 22.15 -17.80
C GLY B 63 -0.27 21.96 -19.19
N GLU B 64 0.23 20.98 -19.93
CA GLU B 64 -0.25 20.67 -21.27
C GLU B 64 -1.28 19.55 -21.26
N PHE B 65 -1.81 19.19 -20.10
CA PHE B 65 -2.75 18.09 -19.94
C PHE B 65 -3.86 18.55 -19.01
N PRO B 66 -5.04 17.92 -19.10
CA PRO B 66 -6.16 18.36 -18.26
C PRO B 66 -5.95 18.11 -16.78
N GLY B 67 -6.39 19.08 -15.98
CA GLY B 67 -6.35 18.97 -14.53
C GLY B 67 -5.01 19.21 -13.89
N ASP B 68 -4.08 19.86 -14.58
CA ASP B 68 -2.76 20.12 -14.03
C ASP B 68 -2.85 21.25 -13.01
N TYR B 69 -2.64 20.92 -11.74
CA TYR B 69 -2.59 21.90 -10.67
C TYR B 69 -1.21 22.04 -10.06
N GLY B 70 -0.24 21.27 -10.55
CA GLY B 70 1.10 21.33 -9.98
C GLY B 70 1.27 20.56 -8.70
N TRP B 71 0.58 19.43 -8.55
CA TRP B 71 0.65 18.61 -7.34
C TRP B 71 1.35 17.29 -7.66
N ASP B 72 2.68 17.31 -7.60
CA ASP B 72 3.48 16.09 -7.50
C ASP B 72 4.59 16.32 -6.49
N THR B 73 4.21 16.83 -5.31
CA THR B 73 5.19 17.11 -4.25
C THR B 73 5.76 15.83 -3.66
N ALA B 74 5.10 14.68 -3.84
CA ALA B 74 5.70 13.40 -3.51
C ALA B 74 6.58 12.86 -4.63
N GLY B 75 6.40 13.35 -5.85
CA GLY B 75 7.34 13.09 -6.92
C GLY B 75 7.33 11.69 -7.50
N LEU B 76 6.16 11.13 -7.76
CA LEU B 76 6.09 9.80 -8.37
C LEU B 76 5.99 9.85 -9.88
N SER B 77 5.78 11.02 -10.48
CA SER B 77 5.45 11.13 -11.89
C SER B 77 6.45 12.00 -12.64
N ALA B 78 7.74 11.80 -12.37
CA ALA B 78 8.75 12.61 -13.03
C ALA B 78 9.10 12.08 -14.41
N ASP B 79 9.05 10.77 -14.58
CA ASP B 79 9.32 10.16 -15.88
C ASP B 79 8.12 10.45 -16.80
N PRO B 80 8.35 10.93 -18.03
CA PRO B 80 7.22 11.29 -18.90
C PRO B 80 6.40 10.11 -19.36
N GLU B 81 7.01 8.93 -19.52
CA GLU B 81 6.21 7.74 -19.81
C GLU B 81 5.41 7.30 -18.59
N THR B 82 6.01 7.39 -17.41
CA THR B 82 5.27 7.16 -16.17
C THR B 82 4.21 8.24 -15.95
N PHE B 83 4.47 9.46 -16.42
CA PHE B 83 3.46 10.51 -16.40
C PHE B 83 2.28 10.17 -17.31
N LYS B 84 2.56 9.60 -18.49
CA LYS B 84 1.52 9.12 -19.39
C LYS B 84 0.69 8.01 -18.77
N ARG B 85 1.36 7.02 -18.16
CA ARG B 85 0.68 5.89 -17.54
C ARG B 85 -0.15 6.34 -16.35
N TYR B 86 0.38 7.24 -15.53
CA TYR B 86 -0.38 7.74 -14.39
C TYR B 86 -1.54 8.61 -14.83
N ARG B 87 -1.43 9.29 -15.97
CA ARG B 87 -2.55 10.08 -16.46
C ARG B 87 -3.69 9.20 -16.94
N GLU B 88 -3.38 8.12 -17.68
CA GLU B 88 -4.47 7.23 -18.10
C GLU B 88 -5.06 6.47 -16.93
N LEU B 89 -4.21 6.08 -15.95
CA LEU B 89 -4.70 5.51 -14.70
C LEU B 89 -5.65 6.45 -13.98
N GLU B 90 -5.28 7.73 -13.88
CA GLU B 90 -6.10 8.71 -13.18
C GLU B 90 -7.41 8.96 -13.89
N LEU B 91 -7.39 9.03 -15.23
CA LEU B 91 -8.61 9.32 -15.95
C LEU B 91 -9.59 8.15 -15.90
N ILE B 92 -9.09 6.92 -15.99
CA ILE B 92 -10.05 5.81 -15.94
C ILE B 92 -10.50 5.54 -14.50
N HIS B 93 -9.65 5.82 -13.50
CA HIS B 93 -10.10 5.79 -12.11
C HIS B 93 -11.17 6.85 -11.87
N ALA B 94 -11.00 8.03 -12.48
CA ALA B 94 -11.96 9.11 -12.34
C ALA B 94 -13.30 8.75 -12.97
N ARG B 95 -13.28 8.18 -14.18
CA ARG B 95 -14.52 7.83 -14.86
C ARG B 95 -15.25 6.69 -14.15
N TRP B 96 -14.50 5.67 -13.72
CA TRP B 96 -15.12 4.58 -12.98
C TRP B 96 -15.63 5.03 -11.61
N ALA B 97 -14.98 6.01 -11.00
CA ALA B 97 -15.48 6.51 -9.73
C ALA B 97 -16.65 7.47 -9.90
N MET B 98 -16.77 8.13 -11.06
CA MET B 98 -17.99 8.87 -11.36
C MET B 98 -19.17 7.93 -11.49
N LEU B 99 -19.00 6.86 -12.29
CA LEU B 99 -20.03 5.83 -12.41
C LEU B 99 -20.35 5.19 -11.06
N GLY B 100 -19.32 4.96 -10.25
CA GLY B 100 -19.53 4.37 -8.94
C GLY B 100 -20.15 5.31 -7.94
N ALA B 101 -19.88 6.61 -8.04
CA ALA B 101 -20.51 7.57 -7.14
C ALA B 101 -21.99 7.71 -7.47
N LEU B 102 -22.32 7.80 -8.76
CA LEU B 102 -23.73 7.89 -9.14
C LEU B 102 -24.46 6.59 -8.84
N GLY B 103 -23.78 5.44 -8.93
CA GLY B 103 -24.39 4.18 -8.53
C GLY B 103 -24.45 3.98 -7.03
N CYS B 104 -23.61 4.66 -6.26
CA CYS B 104 -23.77 4.65 -4.82
C CYS B 104 -24.97 5.48 -4.39
N ILE B 105 -25.22 6.61 -5.07
CA ILE B 105 -26.27 7.50 -4.60
C ILE B 105 -27.62 7.22 -5.24
N THR B 106 -27.68 6.56 -6.40
CA THR B 106 -28.96 6.47 -7.12
C THR B 106 -29.98 5.51 -6.50
N PRO B 107 -29.70 4.23 -6.20
CA PRO B 107 -30.78 3.38 -5.66
C PRO B 107 -31.13 3.72 -4.21
N GLU B 108 -30.21 4.31 -3.47
CA GLU B 108 -30.54 4.78 -2.13
C GLU B 108 -31.46 5.99 -2.17
N LEU B 109 -31.26 6.90 -3.13
CA LEU B 109 -32.18 8.02 -3.30
C LEU B 109 -33.53 7.54 -3.85
N LEU B 110 -33.52 6.54 -4.73
CA LEU B 110 -34.76 6.00 -5.26
C LEU B 110 -35.49 5.11 -4.27
N ALA B 111 -34.82 4.68 -3.19
CA ALA B 111 -35.47 3.94 -2.12
C ALA B 111 -36.53 4.76 -1.39
N LYS B 112 -36.34 6.07 -1.30
CA LYS B 112 -37.30 6.95 -0.65
C LYS B 112 -38.25 7.61 -1.64
N SER B 113 -38.06 7.40 -2.94
CA SER B 113 -38.93 7.97 -3.95
C SER B 113 -40.08 7.05 -4.35
N GLY B 114 -40.27 5.95 -3.64
CA GLY B 114 -41.41 5.08 -3.88
C GLY B 114 -41.09 3.63 -4.15
N THR B 115 -40.05 3.37 -4.93
CA THR B 115 -39.69 2.00 -5.29
C THR B 115 -38.76 1.43 -4.22
N GLN B 116 -38.91 0.13 -3.95
CA GLN B 116 -38.13 -0.54 -2.92
C GLN B 116 -37.43 -1.75 -3.53
N PHE B 117 -36.13 -1.87 -3.26
CA PHE B 117 -35.32 -2.94 -3.80
C PHE B 117 -35.11 -4.02 -2.75
N GLY B 118 -34.27 -5.00 -3.06
CA GLY B 118 -33.87 -6.00 -2.09
C GLY B 118 -33.02 -5.38 -1.00
N GLU B 119 -31.94 -4.71 -1.42
CA GLU B 119 -31.14 -3.88 -0.53
C GLU B 119 -30.89 -2.55 -1.23
N ALA B 120 -30.91 -1.47 -0.45
CA ALA B 120 -30.84 -0.14 -1.04
C ALA B 120 -29.45 0.48 -0.94
N VAL B 121 -28.72 0.17 0.14
CA VAL B 121 -27.36 0.69 0.33
C VAL B 121 -26.44 -0.01 -0.65
N TRP B 122 -25.33 0.64 -1.00
CA TRP B 122 -24.46 0.10 -2.03
C TRP B 122 -23.59 -1.05 -1.55
N PHE B 123 -23.21 -1.07 -0.27
CA PHE B 123 -22.35 -2.12 0.22
C PHE B 123 -23.10 -3.42 0.52
N LYS B 124 -24.43 -3.39 0.50
CA LYS B 124 -25.24 -4.60 0.54
C LYS B 124 -26.01 -4.81 -0.75
N ALA B 125 -25.78 -3.96 -1.76
CA ALA B 125 -26.43 -4.13 -3.05
C ALA B 125 -25.86 -5.29 -3.85
N GLY B 126 -24.72 -5.85 -3.43
CA GLY B 126 -24.22 -7.04 -4.07
C GLY B 126 -24.79 -8.31 -3.49
N ALA B 127 -25.09 -8.30 -2.19
CA ALA B 127 -25.51 -9.49 -1.46
C ALA B 127 -26.95 -9.91 -1.73
N GLN B 128 -27.66 -9.24 -2.65
CA GLN B 128 -29.04 -9.59 -2.95
C GLN B 128 -29.16 -10.75 -3.93
N ILE B 129 -28.04 -11.34 -4.35
CA ILE B 129 -28.10 -12.59 -5.11
C ILE B 129 -28.56 -13.74 -4.22
N PHE B 130 -27.91 -13.91 -3.07
CA PHE B 130 -28.14 -15.07 -2.22
C PHE B 130 -29.45 -14.98 -1.44
N SER B 131 -30.10 -13.82 -1.45
CA SER B 131 -31.46 -13.73 -0.93
C SER B 131 -32.40 -14.55 -1.81
N GLU B 132 -33.40 -15.14 -1.17
CA GLU B 132 -34.36 -15.96 -1.89
C GLU B 132 -35.25 -15.09 -2.76
N GLY B 133 -35.37 -15.47 -4.03
CA GLY B 133 -36.16 -14.74 -4.98
C GLY B 133 -35.39 -13.87 -5.95
N GLY B 134 -34.09 -14.09 -6.12
CA GLY B 134 -33.32 -13.46 -7.18
C GLY B 134 -33.03 -11.99 -7.05
N LEU B 135 -32.16 -11.49 -7.92
CA LEU B 135 -31.82 -10.07 -7.99
C LEU B 135 -32.81 -9.41 -8.94
N ASP B 136 -33.87 -8.84 -8.40
CA ASP B 136 -34.73 -7.97 -9.18
C ASP B 136 -34.01 -6.65 -9.40
N TYR B 137 -34.14 -6.10 -10.61
CA TYR B 137 -33.39 -4.89 -10.96
C TYR B 137 -33.94 -3.68 -10.23
N LEU B 138 -35.18 -3.29 -10.54
CA LEU B 138 -35.82 -2.17 -9.86
C LEU B 138 -36.82 -2.64 -8.81
N GLY B 139 -36.62 -3.85 -8.27
CA GLY B 139 -37.59 -4.47 -7.39
C GLY B 139 -38.62 -5.32 -8.08
N ASN B 140 -38.86 -5.10 -9.36
CA ASN B 140 -39.86 -5.87 -10.10
C ASN B 140 -39.35 -7.28 -10.36
N PRO B 141 -40.11 -8.32 -10.02
CA PRO B 141 -39.60 -9.70 -10.12
C PRO B 141 -39.43 -10.21 -11.54
N SER B 142 -39.94 -9.50 -12.54
CA SER B 142 -39.84 -9.93 -13.93
C SER B 142 -38.84 -9.10 -14.74
N LEU B 143 -37.94 -8.38 -14.07
CA LEU B 143 -36.99 -7.52 -14.77
C LEU B 143 -35.67 -8.24 -15.06
N VAL B 144 -34.99 -8.70 -14.01
CA VAL B 144 -33.74 -9.42 -14.19
C VAL B 144 -33.87 -10.79 -13.52
N HIS B 145 -34.18 -10.79 -12.22
CA HIS B 145 -34.46 -11.96 -11.40
C HIS B 145 -33.29 -12.96 -11.43
N ALA B 146 -32.11 -12.48 -11.07
CA ALA B 146 -30.88 -13.26 -11.16
C ALA B 146 -30.58 -13.94 -9.84
N GLN B 147 -30.44 -15.26 -9.87
CA GLN B 147 -30.07 -16.03 -8.68
C GLN B 147 -28.63 -16.54 -8.70
N ASN B 148 -27.93 -16.45 -9.83
CA ASN B 148 -26.60 -17.04 -9.97
C ASN B 148 -25.58 -15.93 -10.10
N ILE B 149 -24.70 -15.83 -9.10
CA ILE B 149 -23.66 -14.83 -9.13
C ILE B 149 -22.48 -15.31 -9.97
N VAL B 150 -22.32 -16.63 -10.10
CA VAL B 150 -21.16 -17.20 -10.79
C VAL B 150 -21.22 -16.94 -12.30
N ALA B 151 -22.36 -17.24 -12.93
CA ALA B 151 -22.51 -16.96 -14.35
C ALA B 151 -22.58 -15.46 -14.62
N THR B 152 -23.09 -14.68 -13.67
CA THR B 152 -23.10 -13.23 -13.78
C THR B 152 -21.68 -12.68 -13.84
N LEU B 153 -20.83 -13.13 -12.91
CA LEU B 153 -19.42 -12.74 -12.90
C LEU B 153 -18.69 -13.27 -14.13
N ALA B 154 -19.06 -14.45 -14.63
CA ALA B 154 -18.40 -15.01 -15.80
C ALA B 154 -18.72 -14.21 -17.07
N VAL B 155 -19.99 -13.87 -17.25
CA VAL B 155 -20.42 -13.05 -18.38
C VAL B 155 -19.79 -11.65 -18.29
N GLN B 156 -19.71 -11.12 -17.06
CA GLN B 156 -19.04 -9.84 -16.84
C GLN B 156 -17.55 -9.91 -17.16
N VAL B 157 -16.89 -11.00 -16.76
CA VAL B 157 -15.45 -11.16 -17.00
C VAL B 157 -15.17 -11.26 -18.49
N ILE B 158 -16.02 -11.99 -19.22
CA ILE B 158 -15.84 -12.12 -20.67
C ILE B 158 -16.03 -10.77 -21.37
N LEU B 159 -17.15 -10.09 -21.08
CA LEU B 159 -17.44 -8.84 -21.77
C LEU B 159 -16.48 -7.73 -21.36
N MET B 160 -16.11 -7.69 -20.08
CA MET B 160 -15.18 -6.67 -19.60
C MET B 160 -13.76 -6.91 -20.09
N GLY B 161 -13.34 -8.18 -20.21
CA GLY B 161 -12.06 -8.46 -20.81
C GLY B 161 -12.00 -8.03 -22.26
N LEU B 162 -13.09 -8.24 -23.00
CA LEU B 162 -13.14 -7.78 -24.38
C LEU B 162 -13.11 -6.25 -24.47
N VAL B 163 -13.89 -5.57 -23.61
CA VAL B 163 -13.94 -4.11 -23.62
C VAL B 163 -12.59 -3.49 -23.23
N GLU B 164 -11.93 -4.03 -22.21
CA GLU B 164 -10.67 -3.44 -21.80
C GLU B 164 -9.53 -3.78 -22.75
N GLY B 165 -9.57 -4.96 -23.37
CA GLY B 165 -8.62 -5.27 -24.42
C GLY B 165 -8.80 -4.38 -25.63
N TYR B 166 -10.05 -4.04 -25.97
CA TYR B 166 -10.30 -3.07 -27.03
C TYR B 166 -9.87 -1.68 -26.61
N ARG B 167 -10.01 -1.35 -25.32
CA ARG B 167 -9.69 -0.02 -24.83
C ARG B 167 -8.19 0.23 -24.86
N VAL B 168 -7.39 -0.78 -24.55
CA VAL B 168 -5.94 -0.59 -24.56
C VAL B 168 -5.38 -0.79 -25.97
N ASN B 169 -5.74 -1.90 -26.61
CA ASN B 169 -5.18 -2.20 -27.93
C ASN B 169 -5.94 -1.50 -29.05
N GLY B 170 -7.22 -1.84 -29.20
CA GLY B 170 -8.02 -1.42 -30.34
C GLY B 170 -8.89 -2.57 -30.78
N GLY B 171 -10.02 -2.23 -31.41
CA GLY B 171 -10.97 -3.24 -31.82
C GLY B 171 -11.95 -2.76 -32.87
N PRO B 172 -13.18 -3.25 -32.81
CA PRO B 172 -14.17 -2.97 -33.86
C PRO B 172 -14.88 -1.63 -33.74
N ALA B 173 -14.90 -1.01 -32.57
CA ALA B 173 -15.49 0.32 -32.40
C ALA B 173 -14.40 1.39 -32.42
N GLY B 174 -13.37 1.17 -33.25
CA GLY B 174 -12.23 2.05 -33.31
C GLY B 174 -10.93 1.30 -33.15
N GLU B 175 -10.03 1.45 -34.13
CA GLU B 175 -8.79 0.69 -34.17
C GLU B 175 -7.61 1.45 -33.59
N GLY B 176 -7.22 2.55 -34.21
CA GLY B 176 -6.11 3.35 -33.70
C GLY B 176 -6.50 4.80 -33.52
N LEU B 177 -6.54 5.26 -32.27
CA LEU B 177 -7.03 6.59 -31.92
C LEU B 177 -6.24 7.05 -30.69
N ASP B 178 -6.75 8.09 -30.03
CA ASP B 178 -6.17 8.51 -28.76
C ASP B 178 -6.48 7.47 -27.69
N PRO B 179 -5.51 7.16 -26.81
CA PRO B 179 -5.76 6.13 -25.78
C PRO B 179 -6.80 6.54 -24.75
N LEU B 180 -7.02 7.83 -24.55
CA LEU B 180 -7.94 8.30 -23.53
C LEU B 180 -9.19 8.96 -24.09
N TYR B 181 -9.13 9.51 -25.30
CA TYR B 181 -10.24 10.25 -25.90
C TYR B 181 -10.39 9.84 -27.35
N PRO B 182 -11.00 8.67 -27.63
CA PRO B 182 -11.06 8.16 -29.02
C PRO B 182 -11.86 8.98 -30.00
N GLY B 183 -13.15 9.18 -29.74
CA GLY B 183 -14.02 9.82 -30.69
C GLY B 183 -14.62 8.86 -31.70
N GLU B 184 -15.63 9.36 -32.42
CA GLU B 184 -16.32 8.81 -33.60
C GLU B 184 -17.24 7.64 -33.24
N SER B 185 -17.10 7.09 -32.04
CA SER B 185 -18.06 6.13 -31.49
C SER B 185 -18.41 6.42 -30.04
N PHE B 186 -17.50 7.02 -29.28
CA PHE B 186 -17.81 7.72 -28.04
C PHE B 186 -17.80 9.20 -28.35
N ASP B 187 -18.67 9.93 -27.66
CA ASP B 187 -19.25 11.18 -28.14
C ASP B 187 -19.74 10.97 -29.57
N PRO B 188 -20.86 10.27 -29.79
CA PRO B 188 -21.46 10.25 -31.12
C PRO B 188 -22.28 11.49 -31.41
N LEU B 189 -22.58 12.30 -30.39
CA LEU B 189 -23.39 13.49 -30.54
C LEU B 189 -22.58 14.69 -31.05
N GLY B 190 -21.28 14.52 -31.27
CA GLY B 190 -20.47 15.54 -31.89
C GLY B 190 -20.20 16.76 -31.02
N LEU B 191 -19.85 16.54 -29.76
CA LEU B 191 -19.46 17.61 -28.85
C LEU B 191 -17.97 17.62 -28.56
N ALA B 192 -17.20 16.75 -29.21
CA ALA B 192 -15.75 16.68 -28.99
C ALA B 192 -14.96 17.59 -29.92
N ASP B 193 -15.60 18.24 -30.88
CA ASP B 193 -14.94 19.18 -31.77
C ASP B 193 -14.70 20.52 -31.04
N ASP B 194 -14.21 21.52 -31.81
CA ASP B 194 -13.83 22.85 -31.34
C ASP B 194 -12.84 22.75 -30.17
N PRO B 195 -11.55 22.49 -30.46
CA PRO B 195 -10.63 21.97 -29.42
C PRO B 195 -10.41 22.84 -28.19
N ASP B 196 -10.81 24.12 -28.20
CA ASP B 196 -10.74 24.91 -26.98
C ASP B 196 -11.85 24.52 -26.01
N THR B 197 -13.08 24.35 -26.51
CA THR B 197 -14.14 23.86 -25.63
C THR B 197 -13.98 22.36 -25.38
N PHE B 198 -13.25 21.64 -26.24
CA PHE B 198 -12.88 20.26 -25.93
C PHE B 198 -11.88 20.22 -24.79
N ALA B 199 -10.96 21.19 -24.74
CA ALA B 199 -10.04 21.30 -23.61
C ALA B 199 -10.77 21.68 -22.32
N GLU B 200 -11.76 22.58 -22.42
CA GLU B 200 -12.56 22.91 -21.25
C GLU B 200 -13.41 21.72 -20.79
N LEU B 201 -13.91 20.93 -21.74
CA LEU B 201 -14.64 19.71 -21.40
C LEU B 201 -13.72 18.69 -20.77
N LYS B 202 -12.46 18.63 -21.20
CA LYS B 202 -11.49 17.71 -20.61
C LYS B 202 -11.16 18.08 -19.18
N VAL B 203 -10.91 19.37 -18.91
CA VAL B 203 -10.58 19.76 -17.54
C VAL B 203 -11.80 19.67 -16.64
N LYS B 204 -13.00 19.90 -17.18
CA LYS B 204 -14.22 19.74 -16.39
C LYS B 204 -14.48 18.27 -16.08
N GLU B 205 -14.21 17.38 -17.06
CA GLU B 205 -14.35 15.94 -16.87
C GLU B 205 -13.41 15.44 -15.78
N ILE B 206 -12.15 15.86 -15.84
CA ILE B 206 -11.20 15.34 -14.88
C ILE B 206 -11.41 15.99 -13.51
N LYS B 207 -12.00 17.18 -13.44
CA LYS B 207 -12.25 17.77 -12.12
C LYS B 207 -13.47 17.14 -11.46
N ASN B 208 -14.57 16.96 -12.20
CA ASN B 208 -15.70 16.17 -11.72
C ASN B 208 -15.29 14.75 -11.35
N GLY B 209 -14.35 14.16 -12.08
CA GLY B 209 -13.86 12.84 -11.77
C GLY B 209 -12.99 12.78 -10.53
N ARG B 210 -12.17 13.81 -10.29
CA ARG B 210 -11.38 13.84 -9.07
C ARG B 210 -12.26 14.07 -7.85
N LEU B 211 -13.30 14.89 -8.01
CA LEU B 211 -14.29 15.05 -6.94
C LEU B 211 -15.00 13.73 -6.65
N ALA B 212 -15.34 12.99 -7.70
CA ALA B 212 -16.04 11.72 -7.50
C ALA B 212 -15.11 10.65 -6.93
N MET B 213 -13.81 10.71 -7.25
CA MET B 213 -12.84 9.81 -6.63
C MET B 213 -12.68 10.10 -5.14
N PHE B 214 -12.62 11.38 -4.79
CA PHE B 214 -12.61 11.80 -3.38
C PHE B 214 -13.85 11.32 -2.66
N SER B 215 -15.01 11.43 -3.31
CA SER B 215 -16.25 11.00 -2.69
C SER B 215 -16.39 9.48 -2.66
N MET B 216 -15.74 8.76 -3.57
CA MET B 216 -15.76 7.31 -3.52
C MET B 216 -14.91 6.79 -2.37
N PHE B 217 -13.76 7.42 -2.14
CA PHE B 217 -12.98 7.10 -0.94
C PHE B 217 -13.75 7.44 0.33
N GLY B 218 -14.47 8.58 0.31
CA GLY B 218 -15.34 8.93 1.42
C GLY B 218 -16.46 7.92 1.63
N PHE B 219 -17.00 7.38 0.54
CA PHE B 219 -18.03 6.34 0.64
C PHE B 219 -17.47 5.08 1.25
N PHE B 220 -16.23 4.71 0.88
CA PHE B 220 -15.59 3.52 1.44
C PHE B 220 -15.39 3.65 2.95
N VAL B 221 -14.87 4.79 3.40
CA VAL B 221 -14.62 4.93 4.83
C VAL B 221 -15.92 5.13 5.61
N GLN B 222 -16.92 5.80 5.00
CA GLN B 222 -18.23 5.93 5.65
C GLN B 222 -18.96 4.60 5.69
N ALA B 223 -18.62 3.68 4.79
CA ALA B 223 -19.15 2.33 4.91
C ALA B 223 -18.48 1.60 6.06
N ILE B 224 -17.16 1.70 6.19
CA ILE B 224 -16.47 0.84 7.14
C ILE B 224 -16.66 1.33 8.58
N VAL B 225 -16.80 2.65 8.78
CA VAL B 225 -16.90 3.13 10.17
C VAL B 225 -18.34 3.25 10.66
N THR B 226 -19.32 3.27 9.76
CA THR B 226 -20.72 3.37 10.16
C THR B 226 -21.51 2.10 9.89
N GLY B 227 -21.48 1.59 8.67
CA GLY B 227 -22.37 0.53 8.27
C GLY B 227 -23.69 0.98 7.69
N LYS B 228 -23.96 2.28 7.68
CA LYS B 228 -25.11 2.87 7.01
C LYS B 228 -24.66 3.62 5.77
N GLY B 229 -25.57 3.72 4.81
CA GLY B 229 -25.25 4.17 3.48
C GLY B 229 -24.93 5.65 3.35
N PRO B 230 -24.73 6.11 2.10
CA PRO B 230 -24.39 7.53 1.89
C PRO B 230 -25.50 8.50 2.27
N ILE B 231 -26.69 8.34 1.67
CA ILE B 231 -27.78 9.24 1.98
C ILE B 231 -28.41 8.92 3.34
N GLN B 232 -28.23 7.69 3.83
CA GLN B 232 -28.60 7.41 5.22
C GLN B 232 -27.71 8.18 6.19
N ASN B 233 -26.41 8.27 5.92
CA ASN B 233 -25.54 9.11 6.73
C ASN B 233 -25.79 10.59 6.46
N LEU B 234 -26.30 10.94 5.28
CA LEU B 234 -26.66 12.33 5.01
C LEU B 234 -27.88 12.75 5.83
N ASP B 235 -28.85 11.84 5.98
CA ASP B 235 -29.98 12.11 6.86
C ASP B 235 -29.57 12.09 8.32
N ASP B 236 -28.58 11.25 8.67
CA ASP B 236 -28.05 11.24 10.03
C ASP B 236 -27.31 12.53 10.35
N HIS B 237 -26.66 13.13 9.35
CA HIS B 237 -25.99 14.42 9.56
C HIS B 237 -26.99 15.57 9.57
N LEU B 238 -27.93 15.58 8.64
CA LEU B 238 -28.89 16.67 8.54
C LEU B 238 -30.00 16.58 9.58
N SER B 239 -30.09 15.47 10.31
CA SER B 239 -30.98 15.43 11.47
C SER B 239 -30.43 16.26 12.62
N ASN B 240 -29.24 15.91 13.09
CA ASN B 240 -28.55 16.68 14.12
C ASN B 240 -27.05 16.62 13.84
N PRO B 241 -26.45 17.70 13.33
CA PRO B 241 -25.06 17.62 12.87
C PRO B 241 -24.02 17.75 13.97
N THR B 242 -24.41 18.09 15.20
CA THR B 242 -23.43 18.35 16.25
C THR B 242 -22.78 17.05 16.74
N VAL B 243 -23.59 16.09 17.15
CA VAL B 243 -23.04 14.84 17.66
C VAL B 243 -22.88 13.80 16.54
N ASN B 244 -23.72 13.84 15.51
CA ASN B 244 -23.73 12.83 14.46
C ASN B 244 -22.81 13.19 13.29
N ASN B 245 -21.74 13.93 13.57
CA ASN B 245 -20.64 14.08 12.62
C ASN B 245 -19.74 12.85 12.71
N ALA B 246 -18.54 12.95 12.14
CA ALA B 246 -17.65 11.79 12.04
C ALA B 246 -17.14 11.34 13.41
N PHE B 247 -17.04 12.25 14.36
CA PHE B 247 -16.49 11.92 15.66
C PHE B 247 -17.45 11.13 16.55
N ALA B 248 -18.67 10.86 16.07
CA ALA B 248 -19.50 9.85 16.72
C ALA B 248 -18.96 8.45 16.51
N PHE B 249 -18.19 8.23 15.44
CA PHE B 249 -17.58 6.94 15.15
C PHE B 249 -16.06 6.97 15.28
N ALA B 250 -15.53 7.90 16.08
CA ALA B 250 -14.09 8.05 16.22
C ALA B 250 -13.49 7.03 17.20
N THR B 251 -14.32 6.29 17.93
CA THR B 251 -13.85 5.32 18.89
C THR B 251 -14.22 3.89 18.52
N LYS B 252 -14.57 3.65 17.25
CA LYS B 252 -15.08 2.34 16.85
C LYS B 252 -13.95 1.32 16.70
N PHE B 253 -12.85 1.72 16.06
CA PHE B 253 -11.74 0.82 15.78
C PHE B 253 -10.65 0.87 16.85
N THR B 254 -11.02 1.13 18.09
CA THR B 254 -10.07 1.13 19.17
C THR B 254 -9.61 -0.31 19.45
N PRO B 255 -8.37 -0.51 19.89
CA PRO B 255 -7.90 -1.86 20.20
C PRO B 255 -8.13 -2.24 21.66
N SER B 256 -7.93 -3.52 21.94
CA SER B 256 -8.09 -4.05 23.29
C SER B 256 -6.83 -4.78 23.75
N GLY C 37 5.61 -22.87 -32.72
CA GLY C 37 5.14 -22.72 -31.35
C GLY C 37 5.05 -21.27 -30.90
N ILE C 38 5.28 -21.03 -29.62
CA ILE C 38 5.20 -19.71 -29.03
C ILE C 38 6.51 -19.44 -28.29
N GLU C 39 7.08 -18.26 -28.52
CA GLU C 39 8.34 -17.86 -27.91
C GLU C 39 8.08 -16.78 -26.86
N PHE C 40 9.13 -16.45 -26.10
CA PHE C 40 9.00 -15.56 -24.95
C PHE C 40 10.06 -14.47 -24.96
N TYR C 41 10.73 -14.23 -26.08
CA TYR C 41 11.69 -13.15 -26.21
C TYR C 41 11.47 -12.44 -27.54
N GLY C 42 12.20 -11.34 -27.72
CA GLY C 42 12.26 -10.67 -29.01
C GLY C 42 11.19 -9.61 -29.20
N PRO C 43 11.03 -9.16 -30.45
CA PRO C 43 10.01 -8.14 -30.71
C PRO C 43 8.59 -8.69 -30.63
N ASN C 44 8.36 -9.88 -31.16
CA ASN C 44 7.10 -10.59 -30.97
C ASN C 44 7.35 -11.76 -30.03
N ARG C 45 6.47 -11.91 -29.04
CA ARG C 45 6.62 -12.94 -28.02
C ARG C 45 5.24 -13.17 -27.42
N ALA C 46 5.21 -13.89 -26.29
CA ALA C 46 3.97 -14.05 -25.53
C ALA C 46 3.72 -12.80 -24.72
N LYS C 47 2.54 -12.21 -24.88
CA LYS C 47 2.22 -10.93 -24.26
C LYS C 47 1.07 -11.05 -23.28
N TRP C 48 0.82 -9.96 -22.55
CA TRP C 48 -0.06 -10.01 -21.38
C TRP C 48 -1.53 -10.01 -21.77
N LEU C 49 -1.90 -9.29 -22.82
CA LEU C 49 -3.28 -9.33 -23.32
C LEU C 49 -3.46 -10.35 -24.44
N GLY C 50 -2.42 -11.10 -24.79
CA GLY C 50 -2.51 -12.14 -25.78
C GLY C 50 -2.50 -11.60 -27.19
N PRO C 51 -3.51 -11.95 -27.99
CA PRO C 51 -3.57 -11.44 -29.36
C PRO C 51 -3.93 -9.97 -29.45
N TYR C 52 -4.66 -9.46 -28.46
CA TYR C 52 -5.01 -8.03 -28.42
C TYR C 52 -3.96 -7.24 -27.64
N SER C 53 -2.70 -7.41 -28.02
CA SER C 53 -1.63 -6.77 -27.26
C SER C 53 -0.50 -6.18 -28.09
N GLU C 54 -0.67 -5.98 -29.39
CA GLU C 54 0.44 -5.44 -30.18
C GLU C 54 0.60 -3.94 -30.00
N ASN C 55 -0.46 -3.24 -29.62
CA ASN C 55 -0.41 -1.82 -29.28
C ASN C 55 -0.21 -1.62 -27.79
N ALA C 56 -0.49 -2.65 -26.99
CA ALA C 56 -0.53 -2.57 -25.54
C ALA C 56 0.85 -2.53 -24.88
N THR C 57 1.87 -3.11 -25.50
CA THR C 57 3.17 -3.23 -24.85
C THR C 57 3.89 -1.88 -24.83
N PRO C 58 4.59 -1.54 -23.74
CA PRO C 58 5.35 -0.29 -23.70
C PRO C 58 6.60 -0.36 -24.55
N ALA C 59 7.24 0.81 -24.69
CA ALA C 59 8.45 0.88 -25.51
C ALA C 59 9.66 0.28 -24.81
N TYR C 60 9.78 0.44 -23.50
CA TYR C 60 10.94 -0.02 -22.76
C TYR C 60 10.94 -1.53 -22.49
N LEU C 61 9.83 -2.22 -22.75
CA LEU C 61 9.76 -3.66 -22.56
C LEU C 61 9.98 -4.37 -23.89
N THR C 62 11.23 -4.34 -24.35
CA THR C 62 11.58 -4.90 -25.64
C THR C 62 11.66 -6.43 -25.62
N GLY C 63 11.69 -7.04 -24.45
CA GLY C 63 11.60 -8.48 -24.35
C GLY C 63 12.90 -9.24 -24.30
N GLU C 64 13.96 -8.66 -23.72
CA GLU C 64 15.21 -9.38 -23.54
C GLU C 64 15.31 -10.08 -22.19
N PHE C 65 14.31 -9.93 -21.34
CA PHE C 65 14.37 -10.47 -19.99
C PHE C 65 13.30 -11.55 -19.80
N PRO C 66 13.56 -12.56 -18.96
CA PRO C 66 12.60 -13.67 -18.81
C PRO C 66 11.33 -13.22 -18.12
N GLY C 67 10.20 -13.58 -18.72
CA GLY C 67 8.91 -13.15 -18.20
C GLY C 67 8.46 -11.79 -18.68
N ASP C 68 8.80 -11.42 -19.91
CA ASP C 68 8.43 -10.10 -20.44
C ASP C 68 7.17 -10.27 -21.28
N TYR C 69 6.03 -10.23 -20.61
CA TYR C 69 4.74 -10.21 -21.31
C TYR C 69 4.29 -8.78 -21.61
N GLY C 70 5.08 -7.77 -21.24
CA GLY C 70 4.72 -6.41 -21.55
C GLY C 70 3.67 -5.80 -20.64
N TRP C 71 3.54 -6.29 -19.40
CA TRP C 71 2.55 -5.77 -18.46
C TRP C 71 3.25 -4.76 -17.55
N ASP C 72 3.29 -3.51 -18.00
CA ASP C 72 3.67 -2.38 -17.16
C ASP C 72 2.71 -1.22 -17.41
N THR C 73 1.41 -1.52 -17.33
CA THR C 73 0.37 -0.54 -17.63
C THR C 73 0.32 0.62 -16.64
N ALA C 74 0.93 0.47 -15.46
CA ALA C 74 1.05 1.58 -14.53
C ALA C 74 2.37 2.32 -14.66
N GLY C 75 3.29 1.80 -15.48
CA GLY C 75 4.53 2.48 -15.74
C GLY C 75 5.51 2.53 -14.58
N LEU C 76 5.49 1.51 -13.71
CA LEU C 76 6.37 1.49 -12.56
C LEU C 76 7.83 1.29 -12.93
N SER C 77 8.11 0.61 -14.05
CA SER C 77 9.50 0.28 -14.39
C SER C 77 9.92 0.95 -15.68
N ALA C 78 9.58 2.23 -15.86
CA ALA C 78 9.98 2.92 -17.08
C ALA C 78 11.47 3.27 -17.05
N ASP C 79 11.99 3.69 -15.89
CA ASP C 79 13.42 3.86 -15.73
C ASP C 79 14.08 2.49 -15.70
N PRO C 80 15.20 2.29 -16.42
CA PRO C 80 15.77 0.94 -16.54
C PRO C 80 16.42 0.42 -15.26
N GLU C 81 16.89 1.30 -14.38
CA GLU C 81 17.45 0.81 -13.12
C GLU C 81 16.35 0.45 -12.12
N THR C 82 15.24 1.20 -12.15
CA THR C 82 14.03 0.77 -11.42
C THR C 82 13.55 -0.57 -11.96
N PHE C 83 13.63 -0.75 -13.28
CA PHE C 83 13.26 -2.03 -13.91
C PHE C 83 14.19 -3.15 -13.47
N LYS C 84 15.49 -2.86 -13.31
CA LYS C 84 16.44 -3.88 -12.86
C LYS C 84 16.20 -4.28 -11.41
N ARG C 85 15.99 -3.29 -10.55
CA ARG C 85 15.68 -3.58 -9.15
C ARG C 85 14.36 -4.31 -9.01
N TYR C 86 13.39 -3.99 -9.88
CA TYR C 86 12.11 -4.68 -9.84
C TYR C 86 12.23 -6.10 -10.36
N ARG C 87 13.13 -6.35 -11.32
CA ARG C 87 13.39 -7.71 -11.77
C ARG C 87 14.02 -8.55 -10.68
N GLU C 88 14.96 -7.97 -9.94
CA GLU C 88 15.54 -8.67 -8.80
C GLU C 88 14.51 -8.94 -7.71
N LEU C 89 13.64 -7.96 -7.44
CA LEU C 89 12.58 -8.15 -6.45
C LEU C 89 11.60 -9.22 -6.89
N GLU C 90 11.23 -9.23 -8.18
CA GLU C 90 10.30 -10.22 -8.71
C GLU C 90 10.90 -11.61 -8.65
N LEU C 91 12.18 -11.77 -8.97
CA LEU C 91 12.75 -13.10 -8.99
C LEU C 91 13.01 -13.65 -7.59
N ILE C 92 13.42 -12.79 -6.65
CA ILE C 92 13.62 -13.29 -5.29
C ILE C 92 12.28 -13.54 -4.62
N HIS C 93 11.28 -12.70 -4.88
CA HIS C 93 9.90 -12.98 -4.49
C HIS C 93 9.40 -14.28 -5.10
N ALA C 94 9.78 -14.54 -6.35
CA ALA C 94 9.36 -15.72 -7.07
C ALA C 94 9.92 -16.99 -6.45
N ARG C 95 11.22 -16.98 -6.13
CA ARG C 95 11.84 -18.16 -5.54
C ARG C 95 11.34 -18.39 -4.11
N TRP C 96 11.19 -17.32 -3.33
CA TRP C 96 10.67 -17.48 -1.98
C TRP C 96 9.21 -17.90 -1.98
N ALA C 97 8.44 -17.47 -2.99
CA ALA C 97 7.04 -17.89 -3.07
C ALA C 97 6.92 -19.32 -3.56
N MET C 98 7.87 -19.78 -4.38
CA MET C 98 7.88 -21.18 -4.77
C MET C 98 8.18 -22.08 -3.59
N LEU C 99 9.19 -21.71 -2.79
CA LEU C 99 9.48 -22.42 -1.54
C LEU C 99 8.31 -22.35 -0.57
N GLY C 100 7.66 -21.20 -0.48
CA GLY C 100 6.54 -21.05 0.42
C GLY C 100 5.29 -21.81 0.02
N ALA C 101 5.02 -21.88 -1.29
CA ALA C 101 3.87 -22.65 -1.74
C ALA C 101 4.11 -24.14 -1.58
N LEU C 102 5.35 -24.59 -1.83
CA LEU C 102 5.67 -26.00 -1.56
C LEU C 102 5.59 -26.31 -0.07
N GLY C 103 6.00 -25.37 0.79
CA GLY C 103 5.90 -25.60 2.22
C GLY C 103 4.53 -25.39 2.81
N CYS C 104 3.63 -24.74 2.08
CA CYS C 104 2.25 -24.68 2.53
C CYS C 104 1.49 -25.92 2.07
N ILE C 105 1.89 -26.50 0.94
CA ILE C 105 1.19 -27.69 0.45
C ILE C 105 1.74 -28.97 1.10
N THR C 106 3.03 -28.99 1.49
CA THR C 106 3.68 -30.26 1.85
C THR C 106 3.18 -30.89 3.14
N PRO C 107 3.12 -30.22 4.31
CA PRO C 107 2.65 -30.94 5.51
C PRO C 107 1.16 -31.22 5.49
N GLU C 108 0.36 -30.45 4.75
CA GLU C 108 -1.06 -30.76 4.62
C GLU C 108 -1.26 -32.00 3.76
N LEU C 109 -0.48 -32.16 2.69
CA LEU C 109 -0.54 -33.38 1.89
C LEU C 109 -0.03 -34.58 2.67
N LEU C 110 1.01 -34.39 3.49
CA LEU C 110 1.49 -35.52 4.29
C LEU C 110 0.54 -35.85 5.43
N ALA C 111 -0.23 -34.87 5.91
CA ALA C 111 -1.23 -35.15 6.93
C ALA C 111 -2.43 -35.87 6.34
N LYS C 112 -2.88 -35.43 5.16
CA LYS C 112 -3.99 -36.12 4.50
C LYS C 112 -3.57 -37.47 3.94
N SER C 113 -2.27 -37.72 3.75
CA SER C 113 -1.81 -39.04 3.36
C SER C 113 -1.60 -39.94 4.57
N GLY C 114 -0.58 -39.65 5.39
CA GLY C 114 -0.31 -40.50 6.54
C GLY C 114 0.04 -39.91 7.89
N THR C 115 0.55 -38.68 7.94
CA THR C 115 1.42 -38.25 9.02
C THR C 115 0.71 -37.32 9.99
N GLN C 116 0.67 -37.69 11.27
CA GLN C 116 0.14 -36.83 12.31
C GLN C 116 1.19 -35.80 12.70
N PHE C 117 0.99 -34.55 12.27
CA PHE C 117 1.89 -33.46 12.60
C PHE C 117 1.50 -32.85 13.93
N GLY C 118 2.14 -31.72 14.27
CA GLY C 118 1.65 -30.91 15.37
C GLY C 118 0.47 -30.05 14.94
N GLU C 119 0.67 -29.26 13.87
CA GLU C 119 -0.42 -28.54 13.24
C GLU C 119 -0.04 -28.34 11.77
N ALA C 120 -0.59 -29.19 10.90
CA ALA C 120 -0.13 -29.24 9.51
C ALA C 120 -0.62 -28.05 8.69
N VAL C 121 -1.68 -27.38 9.13
CA VAL C 121 -2.16 -26.20 8.43
C VAL C 121 -1.15 -25.06 8.63
N TRP C 122 -0.91 -24.29 7.56
CA TRP C 122 0.29 -23.47 7.51
C TRP C 122 0.16 -22.20 8.34
N PHE C 123 -1.03 -21.62 8.42
CA PHE C 123 -1.19 -20.38 9.20
C PHE C 123 -1.44 -20.65 10.67
N LYS C 124 -1.42 -21.91 11.10
CA LYS C 124 -1.38 -22.26 12.51
C LYS C 124 -0.18 -23.13 12.83
N ALA C 125 0.76 -23.28 11.90
CA ALA C 125 1.96 -24.08 12.11
C ALA C 125 3.04 -23.34 12.88
N GLY C 126 2.89 -22.04 13.09
CA GLY C 126 3.87 -21.29 13.84
C GLY C 126 3.77 -21.57 15.33
N ALA C 127 2.55 -21.63 15.85
CA ALA C 127 2.31 -21.78 17.28
C ALA C 127 2.56 -23.19 17.81
N GLN C 128 3.05 -24.12 16.97
CA GLN C 128 3.45 -25.43 17.48
C GLN C 128 4.65 -25.34 18.40
N ILE C 129 5.45 -24.27 18.29
CA ILE C 129 6.51 -23.97 19.24
C ILE C 129 5.93 -23.74 20.64
N PHE C 130 4.65 -23.36 20.73
CA PHE C 130 3.92 -23.29 21.97
C PHE C 130 2.97 -24.47 22.18
N SER C 131 3.35 -25.68 21.74
CA SER C 131 2.53 -26.86 21.99
C SER C 131 2.92 -27.64 23.23
N GLU C 132 3.73 -27.04 24.11
CA GLU C 132 4.13 -27.57 25.42
C GLU C 132 4.94 -28.86 25.38
N GLY C 133 5.28 -29.36 24.19
CA GLY C 133 5.97 -30.63 24.08
C GLY C 133 6.98 -30.63 22.96
N GLY C 134 7.17 -29.48 22.33
CA GLY C 134 8.15 -29.33 21.26
C GLY C 134 7.50 -29.22 19.90
N LEU C 135 8.33 -28.79 18.93
CA LEU C 135 7.95 -28.76 17.53
C LEU C 135 8.56 -29.99 16.87
N ASP C 136 7.77 -31.06 16.76
CA ASP C 136 8.20 -32.24 16.04
C ASP C 136 8.13 -31.97 14.54
N TYR C 137 9.21 -32.29 13.84
CA TYR C 137 9.32 -31.91 12.44
C TYR C 137 8.40 -32.74 11.56
N LEU C 138 8.63 -34.05 11.50
CA LEU C 138 7.71 -34.93 10.80
C LEU C 138 6.71 -35.60 11.73
N GLY C 139 6.35 -34.93 12.83
CA GLY C 139 5.47 -35.51 13.82
C GLY C 139 6.12 -36.46 14.79
N ASN C 140 7.38 -36.84 14.56
CA ASN C 140 8.08 -37.78 15.43
C ASN C 140 8.83 -37.02 16.51
N PRO C 141 8.80 -37.49 17.76
CA PRO C 141 9.53 -36.78 18.84
C PRO C 141 11.04 -36.93 18.74
N SER C 142 11.55 -37.83 17.91
CA SER C 142 12.99 -37.95 17.69
C SER C 142 13.55 -36.80 16.85
N LEU C 143 12.69 -36.00 16.23
CA LEU C 143 13.09 -34.90 15.36
C LEU C 143 13.41 -33.66 16.19
N VAL C 144 13.43 -32.49 15.55
CA VAL C 144 14.20 -31.31 16.00
C VAL C 144 13.78 -30.81 17.38
N HIS C 145 12.52 -31.04 17.78
CA HIS C 145 12.04 -30.92 19.17
C HIS C 145 12.22 -29.51 19.74
N ALA C 146 11.90 -28.51 18.91
CA ALA C 146 12.15 -27.13 19.29
C ALA C 146 11.09 -26.62 20.26
N GLN C 147 11.53 -25.89 21.29
CA GLN C 147 10.64 -25.36 22.31
C GLN C 147 10.81 -23.88 22.58
N ASN C 148 11.85 -23.24 22.03
CA ASN C 148 12.14 -21.83 22.32
C ASN C 148 12.13 -21.06 21.03
N ILE C 149 11.08 -20.25 20.82
CA ILE C 149 10.93 -19.51 19.58
C ILE C 149 11.91 -18.35 19.46
N VAL C 150 12.42 -17.83 20.59
CA VAL C 150 13.36 -16.72 20.52
C VAL C 150 14.71 -17.18 20.01
N ALA C 151 15.16 -18.36 20.44
CA ALA C 151 16.42 -18.90 19.94
C ALA C 151 16.31 -19.34 18.48
N THR C 152 15.14 -19.89 18.10
CA THR C 152 14.89 -20.27 16.71
C THR C 152 14.91 -19.05 15.80
N LEU C 153 14.20 -17.99 16.20
CA LEU C 153 14.21 -16.75 15.44
C LEU C 153 15.60 -16.13 15.42
N ALA C 154 16.35 -16.23 16.52
CA ALA C 154 17.65 -15.59 16.59
C ALA C 154 18.68 -16.27 15.69
N VAL C 155 18.70 -17.61 15.69
CA VAL C 155 19.60 -18.30 14.76
C VAL C 155 19.12 -18.13 13.33
N GLN C 156 17.82 -17.91 13.12
CA GLN C 156 17.35 -17.59 11.77
C GLN C 156 17.82 -16.20 11.33
N VAL C 157 17.80 -15.22 12.24
CA VAL C 157 18.29 -13.88 11.91
C VAL C 157 19.77 -13.92 11.58
N ILE C 158 20.55 -14.68 12.36
CA ILE C 158 21.99 -14.78 12.10
C ILE C 158 22.27 -15.44 10.76
N LEU C 159 21.66 -16.60 10.52
CA LEU C 159 21.91 -17.34 9.28
C LEU C 159 21.35 -16.62 8.07
N MET C 160 20.19 -15.95 8.21
CA MET C 160 19.58 -15.26 7.09
C MET C 160 20.32 -13.97 6.75
N GLY C 161 20.80 -13.24 7.76
CA GLY C 161 21.63 -12.08 7.49
C GLY C 161 22.94 -12.45 6.81
N LEU C 162 23.55 -13.55 7.25
CA LEU C 162 24.75 -14.05 6.59
C LEU C 162 24.48 -14.44 5.13
N VAL C 163 23.40 -15.19 4.89
CA VAL C 163 23.20 -15.71 3.54
C VAL C 163 22.71 -14.62 2.58
N GLU C 164 21.98 -13.62 3.08
CA GLU C 164 21.53 -12.58 2.17
C GLU C 164 22.62 -11.55 1.91
N GLY C 165 23.48 -11.30 2.89
CA GLY C 165 24.67 -10.51 2.61
C GLY C 165 25.64 -11.23 1.70
N TYR C 166 25.64 -12.56 1.71
CA TYR C 166 26.37 -13.31 0.70
C TYR C 166 25.71 -13.17 -0.67
N ARG C 167 24.38 -13.17 -0.71
CA ARG C 167 23.65 -13.09 -1.97
C ARG C 167 23.88 -11.76 -2.67
N VAL C 168 23.94 -10.66 -1.91
CA VAL C 168 24.09 -9.37 -2.56
C VAL C 168 25.56 -9.04 -2.83
N ASN C 169 26.49 -9.64 -2.09
CA ASN C 169 27.90 -9.28 -2.21
C ASN C 169 28.76 -10.45 -2.70
N GLY C 170 28.73 -11.56 -2.01
CA GLY C 170 29.59 -12.69 -2.29
C GLY C 170 30.10 -13.30 -1.02
N GLY C 171 30.59 -14.53 -1.12
CA GLY C 171 31.09 -15.24 0.03
C GLY C 171 31.75 -16.55 -0.36
N PRO C 172 31.55 -17.60 0.45
CA PRO C 172 32.19 -18.88 0.17
C PRO C 172 31.61 -19.66 -1.00
N ALA C 173 30.38 -19.35 -1.42
CA ALA C 173 29.73 -20.06 -2.52
C ALA C 173 29.72 -19.23 -3.79
N GLY C 174 30.79 -18.45 -4.02
CA GLY C 174 30.89 -17.64 -5.21
C GLY C 174 31.03 -16.16 -4.90
N GLU C 175 32.11 -15.54 -5.37
CA GLU C 175 32.34 -14.13 -5.08
C GLU C 175 31.83 -13.23 -6.20
N GLY C 176 32.43 -13.33 -7.39
CA GLY C 176 32.00 -12.48 -8.49
C GLY C 176 31.06 -13.20 -9.43
N LEU C 177 29.77 -12.99 -9.26
CA LEU C 177 28.76 -13.76 -9.98
C LEU C 177 27.57 -12.86 -10.29
N ASP C 178 26.63 -13.40 -11.04
CA ASP C 178 25.40 -12.70 -11.38
C ASP C 178 24.55 -12.61 -10.11
N PRO C 179 24.06 -11.42 -9.73
CA PRO C 179 23.26 -11.30 -8.50
C PRO C 179 21.93 -12.03 -8.51
N LEU C 180 21.43 -12.47 -9.66
CA LEU C 180 20.19 -13.21 -9.72
C LEU C 180 20.35 -14.66 -10.13
N TYR C 181 21.27 -14.98 -11.03
CA TYR C 181 21.58 -16.36 -11.43
C TYR C 181 23.07 -16.60 -11.28
N PRO C 182 23.56 -16.87 -10.04
CA PRO C 182 24.99 -17.06 -9.81
C PRO C 182 25.62 -18.22 -10.59
N GLY C 183 25.11 -19.43 -10.40
CA GLY C 183 25.67 -20.59 -11.07
C GLY C 183 26.94 -21.09 -10.39
N GLU C 184 27.37 -22.28 -10.83
CA GLU C 184 28.57 -23.05 -10.48
C GLU C 184 28.75 -23.31 -8.98
N SER C 185 27.76 -22.96 -8.18
CA SER C 185 27.49 -23.56 -6.89
C SER C 185 25.99 -23.72 -6.65
N PHE C 186 25.17 -23.04 -7.44
CA PHE C 186 23.73 -23.24 -7.48
C PHE C 186 23.28 -23.87 -8.79
N ASP C 187 24.23 -24.38 -9.56
CA ASP C 187 23.95 -25.34 -10.62
C ASP C 187 24.95 -26.48 -10.55
N PRO C 188 24.80 -27.38 -9.57
CA PRO C 188 25.64 -28.58 -9.57
C PRO C 188 25.19 -29.60 -10.59
N LEU C 189 23.96 -29.50 -11.08
CA LEU C 189 23.44 -30.38 -12.11
C LEU C 189 23.65 -29.83 -13.51
N GLY C 190 24.26 -28.65 -13.64
CA GLY C 190 24.70 -28.12 -14.92
C GLY C 190 23.61 -27.76 -15.89
N LEU C 191 22.44 -27.34 -15.40
CA LEU C 191 21.33 -27.04 -16.28
C LEU C 191 21.40 -25.64 -16.91
N ALA C 192 22.35 -24.81 -16.50
CA ALA C 192 22.52 -23.50 -17.12
C ALA C 192 23.42 -23.54 -18.35
N ASP C 193 24.10 -24.66 -18.59
CA ASP C 193 24.83 -24.84 -19.83
C ASP C 193 23.85 -24.98 -21.00
N ASP C 194 24.38 -24.83 -22.22
CA ASP C 194 23.61 -24.63 -23.46
C ASP C 194 22.64 -23.47 -23.26
N PRO C 195 23.13 -22.23 -23.31
CA PRO C 195 22.35 -21.09 -22.79
C PRO C 195 21.05 -20.77 -23.53
N ASP C 196 20.83 -21.36 -24.71
CA ASP C 196 19.55 -21.17 -25.39
C ASP C 196 18.42 -21.86 -24.66
N THR C 197 18.69 -22.97 -23.96
CA THR C 197 17.70 -23.57 -23.08
C THR C 197 17.82 -23.06 -21.64
N PHE C 198 18.93 -22.39 -21.30
CA PHE C 198 18.99 -21.70 -20.02
C PHE C 198 18.08 -20.47 -20.03
N ALA C 199 17.90 -19.84 -21.20
CA ALA C 199 16.89 -18.78 -21.31
C ALA C 199 15.48 -19.33 -21.13
N GLU C 200 15.21 -20.50 -21.69
CA GLU C 200 13.92 -21.16 -21.50
C GLU C 200 13.71 -21.56 -20.04
N LEU C 201 14.78 -22.00 -19.37
CA LEU C 201 14.66 -22.34 -17.95
C LEU C 201 14.52 -21.10 -17.08
N LYS C 202 15.07 -19.96 -17.51
CA LYS C 202 14.82 -18.70 -16.84
C LYS C 202 13.35 -18.30 -16.95
N VAL C 203 12.77 -18.49 -18.14
CA VAL C 203 11.35 -18.17 -18.32
C VAL C 203 10.48 -19.15 -17.54
N LYS C 204 10.88 -20.42 -17.46
CA LYS C 204 10.14 -21.41 -16.67
C LYS C 204 10.22 -21.10 -15.18
N GLU C 205 11.39 -20.66 -14.72
CA GLU C 205 11.54 -20.26 -13.31
C GLU C 205 10.69 -19.06 -12.97
N ILE C 206 10.68 -18.04 -13.83
CA ILE C 206 9.88 -16.86 -13.51
C ILE C 206 8.40 -17.15 -13.69
N LYS C 207 8.02 -18.10 -14.54
CA LYS C 207 6.59 -18.38 -14.70
C LYS C 207 6.05 -19.23 -13.55
N ASN C 208 6.77 -20.29 -13.13
CA ASN C 208 6.36 -20.97 -11.90
C ASN C 208 6.49 -20.08 -10.67
N GLY C 209 7.41 -19.11 -10.68
CA GLY C 209 7.49 -18.18 -9.58
C GLY C 209 6.34 -17.19 -9.52
N ARG C 210 5.86 -16.73 -10.67
CA ARG C 210 4.71 -15.83 -10.67
C ARG C 210 3.43 -16.59 -10.34
N LEU C 211 3.31 -17.83 -10.80
CA LEU C 211 2.19 -18.67 -10.41
C LEU C 211 2.22 -18.97 -8.91
N ALA C 212 3.41 -19.16 -8.34
CA ALA C 212 3.52 -19.38 -6.90
C ALA C 212 3.28 -18.10 -6.12
N MET C 213 3.63 -16.93 -6.67
CA MET C 213 3.31 -15.67 -6.02
C MET C 213 1.83 -15.42 -5.98
N PHE C 214 1.14 -15.66 -7.11
CA PHE C 214 -0.31 -15.59 -7.17
C PHE C 214 -0.95 -16.60 -6.22
N SER C 215 -0.38 -17.80 -6.14
CA SER C 215 -0.92 -18.81 -5.24
C SER C 215 -0.65 -18.49 -3.78
N MET C 216 0.45 -17.78 -3.48
CA MET C 216 0.70 -17.39 -2.09
C MET C 216 -0.23 -16.25 -1.68
N PHE C 217 -0.54 -15.35 -2.60
CA PHE C 217 -1.58 -14.35 -2.33
C PHE C 217 -2.94 -15.01 -2.13
N GLY C 218 -3.23 -16.03 -2.93
CA GLY C 218 -4.44 -16.80 -2.71
C GLY C 218 -4.45 -17.53 -1.39
N PHE C 219 -3.29 -18.06 -0.98
CA PHE C 219 -3.16 -18.71 0.32
C PHE C 219 -3.43 -17.73 1.45
N PHE C 220 -2.88 -16.51 1.35
CA PHE C 220 -3.06 -15.49 2.36
C PHE C 220 -4.53 -15.09 2.49
N VAL C 221 -5.16 -14.76 1.37
CA VAL C 221 -6.53 -14.26 1.41
C VAL C 221 -7.51 -15.38 1.76
N GLN C 222 -7.23 -16.61 1.30
CA GLN C 222 -8.03 -17.76 1.67
C GLN C 222 -7.89 -18.09 3.16
N ALA C 223 -6.70 -17.92 3.72
CA ALA C 223 -6.51 -18.09 5.14
C ALA C 223 -7.29 -17.04 5.92
N ILE C 224 -7.36 -15.82 5.40
CA ILE C 224 -8.06 -14.75 6.08
C ILE C 224 -9.57 -14.97 6.06
N VAL C 225 -10.13 -15.37 4.91
CA VAL C 225 -11.57 -15.38 4.77
C VAL C 225 -12.21 -16.76 4.97
N THR C 226 -11.41 -17.83 4.97
CA THR C 226 -11.96 -19.15 5.20
C THR C 226 -11.52 -19.77 6.51
N GLY C 227 -10.33 -19.44 7.00
CA GLY C 227 -9.86 -19.99 8.24
C GLY C 227 -9.42 -21.44 8.21
N LYS C 228 -9.49 -22.09 7.05
CA LYS C 228 -9.04 -23.46 6.86
C LYS C 228 -7.88 -23.47 5.89
N GLY C 229 -7.24 -24.62 5.77
CA GLY C 229 -6.10 -24.79 4.90
C GLY C 229 -6.48 -24.71 3.43
N PRO C 230 -5.48 -24.48 2.57
CA PRO C 230 -5.76 -24.47 1.13
C PRO C 230 -6.19 -25.82 0.60
N ILE C 231 -5.68 -26.91 1.19
CA ILE C 231 -6.12 -28.23 0.79
C ILE C 231 -7.47 -28.55 1.42
N GLN C 232 -7.77 -27.99 2.59
CA GLN C 232 -9.11 -28.13 3.15
C GLN C 232 -10.13 -27.34 2.33
N ASN C 233 -9.75 -26.16 1.86
CA ASN C 233 -10.59 -25.40 0.94
C ASN C 233 -10.70 -26.10 -0.41
N LEU C 234 -9.66 -26.82 -0.84
CA LEU C 234 -9.73 -27.57 -2.08
C LEU C 234 -10.68 -28.77 -1.96
N ASP C 235 -10.63 -29.47 -0.82
CA ASP C 235 -11.57 -30.55 -0.57
C ASP C 235 -12.99 -30.04 -0.43
N ASP C 236 -13.15 -28.84 0.14
CA ASP C 236 -14.47 -28.23 0.23
C ASP C 236 -15.01 -27.87 -1.15
N HIS C 237 -14.18 -27.26 -2.00
CA HIS C 237 -14.61 -26.89 -3.35
C HIS C 237 -14.78 -28.11 -4.23
N LEU C 238 -14.09 -29.21 -3.93
CA LEU C 238 -14.31 -30.44 -4.68
C LEU C 238 -15.57 -31.16 -4.22
N SER C 239 -15.98 -30.98 -2.96
CA SER C 239 -17.20 -31.60 -2.49
C SER C 239 -18.43 -30.95 -3.11
N ASN C 240 -18.62 -29.65 -2.88
CA ASN C 240 -19.78 -28.94 -3.42
C ASN C 240 -19.24 -27.61 -3.97
N PRO C 241 -18.91 -27.59 -5.26
CA PRO C 241 -18.33 -26.36 -5.84
C PRO C 241 -19.29 -25.21 -5.99
N THR C 242 -20.60 -25.44 -5.85
CA THR C 242 -21.56 -24.37 -6.06
C THR C 242 -21.66 -23.42 -4.87
N VAL C 243 -21.36 -23.88 -3.66
CA VAL C 243 -21.42 -23.01 -2.49
C VAL C 243 -20.12 -22.98 -1.70
N ASN C 244 -19.13 -23.81 -2.03
CA ASN C 244 -17.82 -23.73 -1.39
C ASN C 244 -16.84 -22.92 -2.24
N ASN C 245 -17.37 -21.98 -3.02
CA ASN C 245 -16.56 -21.00 -3.72
C ASN C 245 -16.43 -19.77 -2.82
N ALA C 246 -15.95 -18.66 -3.38
CA ALA C 246 -15.63 -17.50 -2.57
C ALA C 246 -16.86 -16.69 -2.19
N PHE C 247 -17.93 -16.76 -2.98
CA PHE C 247 -19.08 -15.89 -2.79
C PHE C 247 -19.90 -16.24 -1.55
N ALA C 248 -19.70 -17.43 -0.96
CA ALA C 248 -20.32 -17.72 0.31
C ALA C 248 -19.68 -16.92 1.44
N PHE C 249 -18.42 -16.52 1.28
CA PHE C 249 -17.72 -15.70 2.26
C PHE C 249 -17.71 -14.22 1.87
N ALA C 250 -18.58 -13.83 0.93
CA ALA C 250 -18.65 -12.45 0.49
C ALA C 250 -19.31 -11.54 1.51
N THR C 251 -20.20 -12.08 2.35
CA THR C 251 -20.87 -11.31 3.37
C THR C 251 -20.16 -11.39 4.72
N LYS C 252 -18.96 -12.00 4.76
CA LYS C 252 -18.30 -12.24 6.04
C LYS C 252 -17.71 -10.95 6.61
N PHE C 253 -16.97 -10.21 5.80
CA PHE C 253 -16.34 -8.96 6.24
C PHE C 253 -17.23 -7.77 5.91
N THR C 254 -18.49 -7.84 6.38
CA THR C 254 -19.48 -6.83 6.05
C THR C 254 -19.16 -5.53 6.77
N PRO C 255 -19.48 -4.38 6.17
CA PRO C 255 -19.17 -3.09 6.82
C PRO C 255 -20.15 -2.70 7.92
N SER C 256 -21.24 -3.45 8.10
CA SER C 256 -22.17 -3.13 9.19
C SER C 256 -21.59 -3.48 10.54
N ALA C 257 -20.90 -4.62 10.64
CA ALA C 257 -20.29 -5.08 11.87
C ALA C 257 -19.10 -5.98 11.57
#